data_6B2W
#
_entry.id   6B2W
#
_cell.length_a   54.528
_cell.length_b   80.884
_cell.length_c   85.626
_cell.angle_alpha   90.000
_cell.angle_beta   95.260
_cell.angle_gamma   90.000
#
_symmetry.space_group_name_H-M   'P 1 21 1'
#
loop_
_entity.id
_entity.type
_entity.pdbx_description
1 polymer 'Putative peptidyl-arginine deiminase family protein'
2 non-polymer AGMATINE
3 non-polymer 'POTASSIUM ION'
4 water water
#
_entity_poly.entity_id   1
_entity_poly.type   'polypeptide(L)'
_entity_poly.pdbx_seq_one_letter_code
;ENLYFQGHMIKSIPEWSEQEYLMLSLPHEKSDWNPYLEEILQSYKEFVKVVSEFQKVLLIAPKQSDFENFKDIKNVEFFK
CDTNDTWIRDFGAIDIVENGRLKALDFTFNAWGNKFQSELDNAVNSKLFKEKFKEELKKVDFILEGGSIDFNGEGVMLTS
SHCLLNENRNSHLNKTQIDTKLKEIFGLKQIIWLENGFIKGDDTDHHIDTLARFIDKNTIAHCICEDEEDEHYLPLQKMK
EELKKTGFDLLELPIPKPLYYEERRLGATYANFVFINNALIVPFYKDKNDEIIAKRLSKALPNHKIIGVDARVFLRQNGS
LHSSCQNRFKGLR
;
_entity_poly.pdbx_strand_id   A,B
#
# COMPACT_ATOMS: atom_id res chain seq x y z
N GLU A 1 11.46 16.92 1.79
CA GLU A 1 12.82 17.36 2.21
C GLU A 1 13.85 16.25 1.98
N ASN A 2 14.57 16.34 0.86
CA ASN A 2 15.55 15.33 0.49
C ASN A 2 16.88 15.54 1.20
N LEU A 3 16.90 15.22 2.49
CA LEU A 3 18.09 15.36 3.31
C LEU A 3 18.78 13.99 3.50
N TYR A 4 20.07 13.95 3.19
CA TYR A 4 20.89 12.77 3.39
C TYR A 4 21.96 13.08 4.43
N PHE A 5 22.24 12.12 5.31
CA PHE A 5 23.27 12.28 6.33
C PHE A 5 24.03 10.96 6.51
N GLN A 6 25.32 10.99 6.16
CA GLN A 6 26.18 9.81 6.26
C GLN A 6 25.63 8.61 5.50
N GLY A 7 25.16 8.88 4.28
CA GLY A 7 24.73 7.86 3.35
C GLY A 7 23.23 7.63 3.27
N HIS A 8 22.47 8.17 4.22
CA HIS A 8 21.06 7.81 4.37
C HIS A 8 20.11 9.01 4.49
N MET A 9 18.98 8.92 3.78
CA MET A 9 17.83 9.78 4.05
C MET A 9 16.83 9.00 4.90
N ILE A 10 16.43 9.60 6.03
CA ILE A 10 15.55 8.94 6.99
C ILE A 10 14.21 9.65 7.09
N LYS A 11 13.12 8.88 7.10
CA LYS A 11 11.79 9.40 7.40
C LYS A 11 11.19 8.67 8.59
N SER A 12 10.61 9.42 9.51
CA SER A 12 9.91 8.85 10.67
C SER A 12 8.45 8.56 10.28
N ILE A 13 7.94 7.42 10.72
CA ILE A 13 6.61 6.96 10.32
C ILE A 13 5.60 7.19 11.44
N PRO A 14 4.49 7.89 11.13
CA PRO A 14 3.41 8.01 12.11
C PRO A 14 2.55 6.76 12.16
N GLU A 15 1.83 6.58 13.25
CA GLU A 15 1.12 5.32 13.53
C GLU A 15 -0.03 5.06 12.55
N TRP A 16 -0.65 6.13 12.05
CA TRP A 16 -1.78 6.00 11.13
C TRP A 16 -1.38 5.60 9.70
N SER A 17 -0.08 5.54 9.41
CA SER A 17 0.40 4.97 8.13
C SER A 17 -0.04 3.53 7.99
N GLU A 18 -0.04 3.03 6.76
CA GLU A 18 -0.57 1.69 6.47
C GLU A 18 0.33 0.62 7.08
N GLN A 19 -0.30 -0.37 7.73
CA GLN A 19 0.43 -1.39 8.49
C GLN A 19 0.22 -2.79 7.93
N GLU A 20 1.19 -3.66 8.20
N GLU A 20 1.18 -3.66 8.19
CA GLU A 20 1.12 -5.06 7.80
CA GLU A 20 1.11 -5.07 7.80
C GLU A 20 0.68 -5.93 8.97
C GLU A 20 0.66 -5.93 8.98
N TYR A 21 1.33 -5.74 10.12
CA TYR A 21 1.01 -6.47 11.35
C TYR A 21 0.84 -5.53 12.55
N LEU A 22 0.00 -5.95 13.51
CA LEU A 22 0.10 -5.47 14.88
C LEU A 22 0.66 -6.63 15.70
N MET A 23 1.68 -6.35 16.50
CA MET A 23 2.42 -7.40 17.19
C MET A 23 2.21 -7.30 18.69
N LEU A 24 1.97 -8.44 19.33
CA LEU A 24 1.78 -8.50 20.77
C LEU A 24 2.59 -9.63 21.40
N SER A 25 2.86 -9.48 22.69
CA SER A 25 3.54 -10.50 23.48
C SER A 25 2.58 -10.98 24.58
N LEU A 26 2.17 -12.25 24.49
CA LEU A 26 1.11 -12.77 25.36
C LEU A 26 1.53 -12.86 26.82
N PRO A 27 0.59 -12.65 27.75
CA PRO A 27 0.82 -13.03 29.14
C PRO A 27 1.01 -14.54 29.26
N HIS A 28 1.86 -14.97 30.20
CA HIS A 28 2.12 -16.38 30.42
C HIS A 28 2.42 -16.67 31.90
N GLU A 29 2.49 -17.95 32.23
CA GLU A 29 2.57 -18.42 33.62
C GLU A 29 3.70 -17.77 34.43
N LYS A 30 4.84 -17.55 33.77
CA LYS A 30 6.05 -17.06 34.44
C LYS A 30 6.26 -15.54 34.36
N SER A 31 5.25 -14.81 33.89
CA SER A 31 5.30 -13.35 33.89
C SER A 31 4.64 -12.81 35.16
N ASP A 32 4.74 -11.49 35.36
CA ASP A 32 4.08 -10.82 36.48
C ASP A 32 2.55 -10.85 36.39
N TRP A 33 2.02 -11.36 35.29
CA TRP A 33 0.57 -11.53 35.11
C TRP A 33 -0.02 -12.73 35.85
N ASN A 34 0.82 -13.54 36.49
CA ASN A 34 0.41 -14.82 37.07
C ASN A 34 -0.82 -14.80 38.00
N PRO A 35 -0.88 -13.85 38.95
CA PRO A 35 -1.98 -13.85 39.93
C PRO A 35 -3.38 -13.56 39.33
N TYR A 36 -3.43 -13.08 38.10
CA TYR A 36 -4.67 -12.87 37.38
C TYR A 36 -4.43 -13.09 35.89
N LEU A 37 -3.81 -14.22 35.57
CA LEU A 37 -3.43 -14.55 34.21
C LEU A 37 -4.65 -14.73 33.30
N GLU A 38 -5.76 -15.23 33.84
CA GLU A 38 -6.96 -15.47 33.03
C GLU A 38 -7.75 -14.21 32.73
N GLU A 39 -7.78 -13.27 33.67
CA GLU A 39 -8.49 -12.01 33.43
C GLU A 39 -7.81 -11.20 32.34
N ILE A 40 -6.49 -11.08 32.42
CA ILE A 40 -5.73 -10.36 31.40
C ILE A 40 -5.81 -11.04 30.03
N LEU A 41 -5.83 -12.37 30.02
CA LEU A 41 -5.90 -13.12 28.76
C LEU A 41 -7.27 -12.98 28.08
N GLN A 42 -8.33 -12.90 28.89
CA GLN A 42 -9.67 -12.62 28.38
C GLN A 42 -9.70 -11.27 27.66
N SER A 43 -9.03 -10.29 28.26
CA SER A 43 -8.92 -8.95 27.69
C SER A 43 -8.10 -8.94 26.40
N TYR A 44 -7.01 -9.72 26.38
CA TYR A 44 -6.21 -9.88 25.16
C TYR A 44 -7.06 -10.47 24.02
N LYS A 45 -7.88 -11.48 24.34
CA LYS A 45 -8.78 -12.08 23.35
C LYS A 45 -9.65 -11.04 22.67
N GLU A 46 -10.24 -10.15 23.44
CA GLU A 46 -11.09 -9.08 22.90
C GLU A 46 -10.28 -8.15 22.00
N PHE A 47 -9.18 -7.65 22.55
CA PHE A 47 -8.27 -6.76 21.82
C PHE A 47 -7.87 -7.38 20.48
N VAL A 48 -7.37 -8.60 20.52
CA VAL A 48 -6.93 -9.30 19.31
C VAL A 48 -8.07 -9.50 18.29
N LYS A 49 -9.24 -9.89 18.76
CA LYS A 49 -10.39 -10.09 17.88
C LYS A 49 -10.80 -8.79 17.16
N VAL A 50 -10.74 -7.68 17.88
CA VAL A 50 -11.09 -6.38 17.30
C VAL A 50 -10.08 -5.98 16.22
N VAL A 51 -8.81 -6.04 16.55
CA VAL A 51 -7.74 -5.67 15.60
C VAL A 51 -7.75 -6.57 14.36
N SER A 52 -7.90 -7.88 14.57
CA SER A 52 -7.88 -8.86 13.47
C SER A 52 -8.87 -8.61 12.33
N GLU A 53 -9.96 -7.91 12.64
CA GLU A 53 -10.95 -7.51 11.63
C GLU A 53 -10.43 -6.43 10.67
N PHE A 54 -9.32 -5.77 11.02
CA PHE A 54 -8.76 -4.69 10.21
C PHE A 54 -7.38 -5.00 9.60
N GLN A 55 -6.55 -5.77 10.29
CA GLN A 55 -5.23 -6.13 9.79
C GLN A 55 -4.67 -7.34 10.54
N LYS A 56 -3.66 -7.95 9.97
CA LYS A 56 -3.06 -9.15 10.58
C LYS A 56 -2.52 -8.86 11.96
N VAL A 57 -2.53 -9.89 12.81
CA VAL A 57 -2.02 -9.82 14.17
C VAL A 57 -0.96 -10.91 14.36
N LEU A 58 0.16 -10.53 14.97
CA LEU A 58 1.22 -11.48 15.28
C LEU A 58 1.32 -11.63 16.79
N LEU A 59 1.15 -12.85 17.28
CA LEU A 59 1.21 -13.14 18.70
C LEU A 59 2.49 -13.88 19.04
N ILE A 60 3.25 -13.32 19.98
CA ILE A 60 4.52 -13.88 20.42
C ILE A 60 4.35 -14.45 21.82
N ALA A 61 4.64 -15.73 21.99
CA ALA A 61 4.57 -16.36 23.31
C ALA A 61 5.61 -17.49 23.46
N PRO A 62 6.03 -17.78 24.71
CA PRO A 62 7.08 -18.77 24.94
C PRO A 62 6.65 -20.24 24.91
N LYS A 63 5.38 -20.53 24.66
CA LYS A 63 4.91 -21.92 24.58
C LYS A 63 3.73 -22.05 23.62
N GLN A 64 3.61 -23.22 22.99
CA GLN A 64 2.52 -23.49 22.07
C GLN A 64 1.14 -23.42 22.74
N SER A 65 1.08 -23.79 24.02
CA SER A 65 -0.18 -23.77 24.78
C SER A 65 -0.72 -22.36 25.01
N ASP A 66 0.16 -21.37 25.01
CA ASP A 66 -0.25 -19.97 25.12
C ASP A 66 -1.06 -19.52 23.89
N PHE A 67 -0.79 -20.11 22.72
CA PHE A 67 -1.51 -19.77 21.49
C PHE A 67 -2.91 -20.39 21.38
N GLU A 68 -3.17 -21.48 22.11
N GLU A 68 -3.15 -21.47 22.13
CA GLU A 68 -4.44 -22.20 21.97
CA GLU A 68 -4.40 -22.23 22.06
C GLU A 68 -5.66 -21.41 22.42
C GLU A 68 -5.64 -21.42 22.42
N ASN A 69 -5.47 -20.36 23.21
CA ASN A 69 -6.57 -19.45 23.56
C ASN A 69 -7.05 -18.59 22.38
N PHE A 70 -6.23 -18.47 21.33
CA PHE A 70 -6.51 -17.59 20.20
C PHE A 70 -6.61 -18.34 18.86
N LYS A 71 -6.89 -19.64 18.92
CA LYS A 71 -6.71 -20.51 17.75
C LYS A 71 -7.67 -20.25 16.59
N ASP A 72 -8.91 -19.88 16.88
CA ASP A 72 -9.93 -19.71 15.85
C ASP A 72 -10.25 -18.23 15.56
N ILE A 73 -9.21 -17.43 15.40
CA ILE A 73 -9.37 -16.02 15.07
C ILE A 73 -8.69 -15.75 13.72
N LYS A 74 -9.47 -15.24 12.77
CA LYS A 74 -8.97 -14.86 11.44
C LYS A 74 -7.78 -13.89 11.55
N ASN A 75 -6.87 -13.97 10.58
CA ASN A 75 -5.73 -13.04 10.49
C ASN A 75 -4.83 -13.01 11.73
N VAL A 76 -4.62 -14.16 12.34
CA VAL A 76 -3.72 -14.24 13.50
C VAL A 76 -2.63 -15.25 13.21
N GLU A 77 -1.39 -14.83 13.46
CA GLU A 77 -0.23 -15.69 13.31
C GLU A 77 0.49 -15.79 14.65
N PHE A 78 1.34 -16.79 14.79
CA PHE A 78 1.99 -17.11 16.06
C PHE A 78 3.49 -17.27 15.87
N PHE A 79 4.26 -16.88 16.89
CA PHE A 79 5.70 -17.03 16.86
C PHE A 79 6.24 -17.41 18.23
N LYS A 80 6.97 -18.51 18.31
CA LYS A 80 7.49 -19.01 19.58
C LYS A 80 8.77 -18.27 19.97
N CYS A 81 8.76 -17.64 21.14
CA CYS A 81 9.93 -16.93 21.67
C CYS A 81 9.77 -16.69 23.17
N ASP A 82 10.88 -16.76 23.90
CA ASP A 82 10.86 -16.55 25.35
C ASP A 82 10.84 -15.06 25.68
N THR A 83 10.09 -14.72 26.73
CA THR A 83 9.81 -13.33 27.08
C THR A 83 9.80 -13.13 28.59
N ASN A 84 10.29 -11.98 29.04
CA ASN A 84 10.15 -11.57 30.45
C ASN A 84 8.74 -11.04 30.71
N ASP A 85 8.28 -10.17 29.82
CA ASP A 85 6.98 -9.52 29.99
C ASP A 85 6.30 -9.24 28.63
N THR A 86 5.19 -8.50 28.69
CA THR A 86 4.25 -8.38 27.57
C THR A 86 4.23 -7.00 26.91
N TRP A 87 5.06 -6.08 27.40
CA TRP A 87 5.02 -4.68 26.96
C TRP A 87 5.91 -4.46 25.74
N ILE A 88 5.47 -4.99 24.60
CA ILE A 88 6.24 -4.98 23.36
C ILE A 88 6.40 -3.57 22.73
N ARG A 89 5.53 -2.64 23.09
CA ARG A 89 5.69 -1.24 22.69
C ARG A 89 7.09 -0.72 23.03
N ASP A 90 7.64 -1.18 24.14
CA ASP A 90 8.88 -0.65 24.68
C ASP A 90 10.14 -1.42 24.27
N PHE A 91 10.00 -2.71 23.94
CA PHE A 91 11.14 -3.50 23.46
C PHE A 91 11.06 -3.90 21.98
N GLY A 92 9.90 -3.73 21.35
CA GLY A 92 9.71 -4.11 19.97
C GLY A 92 10.48 -3.21 19.00
N ALA A 93 10.88 -3.77 17.86
CA ALA A 93 11.62 -3.02 16.87
C ALA A 93 10.78 -1.89 16.29
N ILE A 94 11.43 -0.79 15.94
CA ILE A 94 10.76 0.43 15.48
C ILE A 94 11.11 0.73 14.03
N ASP A 95 10.10 0.77 13.17
CA ASP A 95 10.31 1.01 11.74
C ASP A 95 10.67 2.46 11.42
N ILE A 96 11.55 2.64 10.44
CA ILE A 96 11.77 3.92 9.76
C ILE A 96 11.85 3.67 8.26
N VAL A 97 11.77 4.74 7.48
CA VAL A 97 12.03 4.66 6.04
C VAL A 97 13.47 5.13 5.81
N GLU A 98 14.31 4.22 5.35
CA GLU A 98 15.72 4.52 5.07
C GLU A 98 15.98 4.36 3.58
N ASN A 99 16.37 5.44 2.92
CA ASN A 99 16.58 5.44 1.46
C ASN A 99 15.45 4.76 0.69
N GLY A 100 14.22 5.12 1.03
CA GLY A 100 13.03 4.63 0.31
C GLY A 100 12.57 3.23 0.65
N ARG A 101 13.22 2.59 1.62
CA ARG A 101 12.87 1.23 2.04
C ARG A 101 12.59 1.21 3.54
N LEU A 102 11.74 0.28 3.95
CA LEU A 102 11.47 0.09 5.36
C LEU A 102 12.64 -0.63 6.00
N LYS A 103 13.04 -0.16 7.17
CA LYS A 103 14.15 -0.70 7.92
C LYS A 103 13.76 -0.62 9.39
N ALA A 104 13.99 -1.71 10.13
CA ALA A 104 13.59 -1.80 11.53
C ALA A 104 14.78 -1.54 12.45
N LEU A 105 14.59 -0.72 13.46
CA LEU A 105 15.64 -0.42 14.43
C LEU A 105 15.48 -1.25 15.70
N ASP A 106 16.60 -1.71 16.25
CA ASP A 106 16.63 -2.55 17.44
C ASP A 106 17.42 -1.85 18.56
N PHE A 107 16.72 -0.99 19.31
CA PHE A 107 17.30 -0.30 20.45
C PHE A 107 17.46 -1.26 21.62
N THR A 108 18.37 -0.94 22.52
CA THR A 108 18.55 -1.71 23.74
C THR A 108 17.42 -1.39 24.72
N PHE A 109 16.94 -2.43 25.41
CA PHE A 109 15.85 -2.32 26.38
C PHE A 109 16.30 -2.86 27.73
N ASN A 110 16.22 -2.04 28.78
CA ASN A 110 16.66 -2.42 30.13
C ASN A 110 15.53 -2.40 31.17
N ALA A 111 14.29 -2.51 30.70
CA ALA A 111 13.11 -2.47 31.57
C ALA A 111 13.04 -1.23 32.46
N TRP A 112 13.07 -0.06 31.82
CA TRP A 112 12.74 1.22 32.48
C TRP A 112 13.68 1.57 33.65
N GLY A 113 14.96 1.29 33.46
CA GLY A 113 15.97 1.52 34.50
C GLY A 113 16.21 0.29 35.36
N ASN A 114 16.27 -0.87 34.71
CA ASN A 114 16.48 -2.15 35.40
C ASN A 114 15.51 -2.38 36.58
N LYS A 115 14.28 -1.92 36.43
CA LYS A 115 13.24 -2.11 37.45
C LYS A 115 12.76 -3.57 37.48
N PHE A 116 12.84 -4.23 36.32
CA PHE A 116 12.54 -5.66 36.20
C PHE A 116 13.60 -6.32 35.31
N GLN A 117 13.52 -7.64 35.17
CA GLN A 117 14.42 -8.38 34.29
C GLN A 117 14.09 -8.04 32.83
N SER A 118 15.12 -7.98 31.98
CA SER A 118 14.95 -7.53 30.60
C SER A 118 15.77 -8.29 29.56
N GLU A 119 16.43 -9.38 29.93
CA GLU A 119 17.38 -10.03 29.02
C GLU A 119 16.67 -10.80 27.91
N LEU A 120 15.52 -11.40 28.22
CA LEU A 120 14.72 -12.13 27.22
C LEU A 120 13.98 -11.19 26.27
N ASP A 121 13.29 -10.20 26.82
CA ASP A 121 12.62 -9.17 26.02
C ASP A 121 13.57 -8.51 25.03
N ASN A 122 14.82 -8.31 25.47
CA ASN A 122 15.85 -7.68 24.64
C ASN A 122 16.20 -8.51 23.40
N ALA A 123 16.11 -9.83 23.52
CA ALA A 123 16.49 -10.75 22.45
C ALA A 123 15.34 -11.17 21.53
N VAL A 124 14.15 -10.63 21.75
CA VAL A 124 12.98 -10.98 20.94
C VAL A 124 13.14 -10.51 19.48
N ASN A 125 13.65 -9.30 19.29
CA ASN A 125 13.80 -8.73 17.96
C ASN A 125 14.81 -9.48 17.08
N SER A 126 15.96 -9.83 17.65
CA SER A 126 16.96 -10.62 16.93
C SER A 126 16.37 -11.91 16.39
N LYS A 127 15.70 -12.65 17.27
CA LYS A 127 15.14 -13.96 16.93
C LYS A 127 13.97 -13.85 15.95
N LEU A 128 13.10 -12.87 16.18
CA LEU A 128 11.94 -12.65 15.32
C LEU A 128 12.34 -12.31 13.89
N PHE A 129 13.29 -11.39 13.75
CA PHE A 129 13.76 -10.96 12.43
C PHE A 129 14.66 -12.00 11.74
N LYS A 130 15.25 -12.90 12.51
CA LYS A 130 16.04 -13.99 11.95
C LYS A 130 15.18 -15.16 11.47
N GLU A 131 14.13 -15.51 12.22
CA GLU A 131 13.34 -16.72 11.95
C GLU A 131 12.08 -16.48 11.11
N LYS A 132 11.38 -15.38 11.37
CA LYS A 132 10.11 -15.12 10.68
C LYS A 132 10.28 -14.19 9.48
N PHE A 133 10.67 -12.94 9.73
CA PHE A 133 10.79 -11.94 8.67
C PHE A 133 12.01 -12.18 7.77
N LYS A 134 13.00 -12.90 8.29
CA LYS A 134 14.24 -13.19 7.56
C LYS A 134 14.73 -11.91 6.87
N GLU A 135 15.10 -10.96 7.72
CA GLU A 135 15.26 -9.57 7.34
C GLU A 135 16.29 -8.95 8.26
N GLU A 136 17.22 -8.18 7.68
CA GLU A 136 18.29 -7.57 8.45
C GLU A 136 17.71 -6.56 9.44
N LEU A 137 18.40 -6.38 10.57
CA LEU A 137 17.90 -5.58 11.67
C LEU A 137 19.01 -4.65 12.12
N LYS A 138 18.72 -3.35 12.21
CA LYS A 138 19.75 -2.38 12.58
C LYS A 138 19.88 -2.25 14.10
N LYS A 139 20.99 -2.76 14.64
CA LYS A 139 21.31 -2.59 16.06
C LYS A 139 21.68 -1.15 16.32
N VAL A 140 21.03 -0.54 17.30
CA VAL A 140 21.36 0.82 17.73
C VAL A 140 21.78 0.75 19.19
N ASP A 141 23.01 1.17 19.45
CA ASP A 141 23.63 1.07 20.77
C ASP A 141 23.12 2.24 21.63
N PHE A 142 21.88 2.12 22.07
CA PHE A 142 21.18 3.23 22.75
C PHE A 142 19.91 2.73 23.42
N ILE A 143 19.75 3.04 24.71
CA ILE A 143 18.59 2.62 25.49
C ILE A 143 17.39 3.49 25.12
N LEU A 144 16.33 2.86 24.61
CA LEU A 144 15.11 3.58 24.23
C LEU A 144 13.91 2.65 24.23
N GLU A 145 12.78 3.16 24.73
CA GLU A 145 11.49 2.47 24.61
C GLU A 145 10.62 3.21 23.59
N GLY A 146 9.92 2.44 22.75
CA GLY A 146 9.01 2.99 21.76
C GLY A 146 7.86 3.82 22.35
N GLY A 147 7.43 3.45 23.55
CA GLY A 147 6.39 4.20 24.25
C GLY A 147 6.79 5.60 24.69
N SER A 148 8.08 5.88 24.73
CA SER A 148 8.57 7.19 25.19
C SER A 148 8.60 8.25 24.09
N ILE A 149 8.32 7.86 22.84
CA ILE A 149 8.38 8.77 21.68
C ILE A 149 7.11 8.71 20.82
N ASP A 150 6.81 9.80 20.12
CA ASP A 150 5.60 9.90 19.30
C ASP A 150 5.84 10.82 18.10
N PHE A 151 5.44 10.38 16.90
CA PHE A 151 5.76 11.08 15.65
C PHE A 151 4.53 11.58 14.90
N ASN A 152 4.70 12.69 14.18
CA ASN A 152 3.65 13.19 13.29
C ASN A 152 3.90 12.88 11.80
N GLY A 153 5.09 12.37 11.48
CA GLY A 153 5.42 11.97 10.11
C GLY A 153 5.94 13.08 9.21
N GLU A 154 5.98 14.30 9.72
CA GLU A 154 6.55 15.44 8.99
C GLU A 154 7.88 15.85 9.62
N GLY A 155 8.52 14.93 10.33
CA GLY A 155 9.82 15.18 10.96
C GLY A 155 9.75 15.81 12.34
N VAL A 156 8.57 15.78 12.96
CA VAL A 156 8.42 16.27 14.34
C VAL A 156 8.16 15.08 15.27
N MET A 157 8.88 15.07 16.40
CA MET A 157 8.70 14.05 17.42
C MET A 157 8.27 14.67 18.73
N LEU A 158 7.57 13.89 19.55
CA LEU A 158 7.08 14.33 20.84
C LEU A 158 7.59 13.38 21.91
N THR A 159 8.08 13.93 23.02
CA THR A 159 8.61 13.11 24.11
C THR A 159 8.55 13.84 25.46
N SER A 160 8.96 13.16 26.53
CA SER A 160 8.97 13.74 27.87
C SER A 160 10.39 13.81 28.43
N SER A 161 10.72 14.95 29.04
CA SER A 161 12.05 15.17 29.59
C SER A 161 12.37 14.24 30.77
N HIS A 162 11.38 14.04 31.65
CA HIS A 162 11.58 13.23 32.85
C HIS A 162 12.02 11.79 32.53
N CYS A 163 11.53 11.25 31.42
CA CYS A 163 11.86 9.88 31.00
C CYS A 163 13.25 9.77 30.36
N LEU A 164 13.47 10.49 29.27
CA LEU A 164 14.70 10.36 28.50
C LEU A 164 15.94 10.93 29.18
N LEU A 165 15.75 11.95 30.03
CA LEU A 165 16.86 12.55 30.77
C LEU A 165 17.02 11.95 32.18
N ASN A 166 16.37 10.81 32.42
CA ASN A 166 16.47 10.13 33.72
C ASN A 166 17.82 9.44 33.85
N GLU A 167 18.39 9.47 35.06
CA GLU A 167 19.70 8.88 35.32
C GLU A 167 19.72 7.36 35.12
N ASN A 168 18.55 6.72 35.20
CA ASN A 168 18.43 5.28 34.96
C ASN A 168 18.40 4.86 33.48
N ARG A 169 18.39 5.83 32.57
CA ARG A 169 18.39 5.57 31.12
C ARG A 169 19.80 5.75 30.51
N ASN A 170 20.01 6.83 29.76
CA ASN A 170 21.29 7.12 29.12
C ASN A 170 21.95 8.27 29.84
N SER A 171 22.26 8.04 31.10
CA SER A 171 22.86 9.05 31.99
C SER A 171 24.15 9.65 31.44
N HIS A 172 24.92 8.85 30.71
CA HIS A 172 26.22 9.27 30.18
C HIS A 172 26.18 10.35 29.09
N LEU A 173 24.98 10.75 28.65
CA LEU A 173 24.84 11.90 27.75
C LEU A 173 23.96 13.00 28.37
N ASN A 174 23.97 14.18 27.76
CA ASN A 174 23.12 15.30 28.17
C ASN A 174 21.99 15.53 27.18
N LYS A 175 21.12 16.51 27.46
CA LYS A 175 19.97 16.77 26.59
C LYS A 175 20.37 17.07 25.15
N THR A 176 21.38 17.93 24.97
CA THR A 176 21.82 18.31 23.63
C THR A 176 22.35 17.10 22.86
N GLN A 177 23.12 16.25 23.54
CA GLN A 177 23.64 15.03 22.92
C GLN A 177 22.51 14.09 22.50
N ILE A 178 21.51 13.94 23.37
CA ILE A 178 20.38 13.05 23.14
C ILE A 178 19.44 13.61 22.06
N ASP A 179 19.11 14.89 22.18
CA ASP A 179 18.30 15.57 21.16
C ASP A 179 18.92 15.46 19.78
N THR A 180 20.23 15.60 19.70
CA THR A 180 20.96 15.48 18.44
C THR A 180 20.90 14.06 17.90
N LYS A 181 21.18 13.10 18.76
CA LYS A 181 21.24 11.68 18.36
C LYS A 181 19.91 11.21 17.77
N LEU A 182 18.81 11.56 18.43
CA LEU A 182 17.48 11.11 18.00
C LEU A 182 17.02 11.78 16.70
N LYS A 183 17.38 13.04 16.52
CA LYS A 183 17.14 13.73 15.25
C LYS A 183 17.90 13.08 14.09
N GLU A 184 19.10 12.59 14.36
CA GLU A 184 19.87 11.89 13.33
C GLU A 184 19.29 10.52 13.02
N ILE A 185 18.81 9.83 14.06
CA ILE A 185 18.28 8.48 13.92
C ILE A 185 16.94 8.44 13.19
N PHE A 186 16.08 9.41 13.44
CA PHE A 186 14.76 9.46 12.82
C PHE A 186 14.64 10.56 11.76
N GLY A 187 15.73 11.26 11.49
CA GLY A 187 15.75 12.33 10.47
C GLY A 187 14.72 13.40 10.76
N LEU A 188 14.75 13.91 11.98
CA LEU A 188 13.74 14.87 12.44
C LEU A 188 14.20 16.31 12.28
N LYS A 189 13.24 17.21 12.10
CA LYS A 189 13.48 18.65 12.16
C LYS A 189 13.37 19.18 13.58
N GLN A 190 12.48 18.60 14.38
CA GLN A 190 12.12 19.15 15.69
C GLN A 190 11.73 18.05 16.69
N ILE A 191 12.15 18.24 17.94
CA ILE A 191 11.68 17.43 19.05
C ILE A 191 11.05 18.34 20.09
N ILE A 192 9.80 18.07 20.45
CA ILE A 192 9.12 18.81 21.51
C ILE A 192 9.32 18.07 22.83
N TRP A 193 9.95 18.76 23.78
CA TRP A 193 10.27 18.18 25.08
C TRP A 193 9.31 18.70 26.13
N LEU A 194 8.47 17.82 26.66
CA LEU A 194 7.51 18.20 27.70
C LEU A 194 8.13 18.04 29.08
N GLU A 195 8.10 19.14 29.84
CA GLU A 195 8.70 19.21 31.17
C GLU A 195 7.73 18.73 32.25
N ASN A 196 6.43 18.96 32.03
CA ASN A 196 5.40 18.63 33.01
C ASN A 196 4.48 17.50 32.58
N GLY A 197 3.88 16.84 33.57
CA GLY A 197 2.83 15.86 33.33
C GLY A 197 3.22 14.45 33.68
N PHE A 198 2.27 13.72 34.26
CA PHE A 198 2.42 12.29 34.54
C PHE A 198 1.06 11.63 34.75
N ILE A 199 1.07 10.31 34.84
CA ILE A 199 -0.10 9.53 35.23
C ILE A 199 0.30 8.64 36.41
N LYS A 200 -0.54 8.59 37.44
CA LYS A 200 -0.16 8.05 38.74
C LYS A 200 -0.42 6.56 38.73
N GLY A 201 0.64 5.78 38.91
CA GLY A 201 0.61 4.34 38.64
C GLY A 201 1.61 4.00 37.56
N ASP A 202 1.94 4.99 36.73
CA ASP A 202 2.95 4.82 35.69
C ASP A 202 4.33 4.65 36.34
N ASP A 203 4.94 3.49 36.09
CA ASP A 203 6.25 3.15 36.66
C ASP A 203 7.36 3.24 35.61
N THR A 204 7.11 4.00 34.55
CA THR A 204 8.01 4.05 33.41
C THR A 204 8.74 5.40 33.33
N ASP A 205 8.52 6.25 34.33
CA ASP A 205 9.12 7.58 34.40
C ASP A 205 8.53 8.57 33.38
N HIS A 206 7.21 8.52 33.20
CA HIS A 206 6.44 9.56 32.50
C HIS A 206 6.44 9.43 30.97
N HIS A 207 6.23 8.21 30.47
CA HIS A 207 6.18 7.95 29.03
C HIS A 207 5.19 8.86 28.31
N ILE A 208 5.61 9.38 27.17
CA ILE A 208 4.77 10.29 26.39
C ILE A 208 3.48 9.62 25.93
N ASP A 209 3.48 8.29 25.77
CA ASP A 209 2.28 7.59 25.31
C ASP A 209 1.18 7.43 26.38
N THR A 210 1.42 7.97 27.58
CA THR A 210 0.38 8.10 28.59
C THR A 210 -0.12 9.54 28.73
N LEU A 211 0.49 10.47 27.99
CA LEU A 211 0.27 11.90 28.19
C LEU A 211 -0.22 12.65 26.95
N ALA A 212 0.50 12.54 25.85
CA ALA A 212 0.14 13.25 24.61
C ALA A 212 0.52 12.46 23.37
N ARG A 213 -0.33 12.52 22.36
CA ARG A 213 -0.17 11.75 21.12
C ARG A 213 -0.59 12.58 19.90
N PHE A 214 0.16 12.47 18.82
CA PHE A 214 -0.30 12.97 17.52
C PHE A 214 -1.42 12.07 17.02
N ILE A 215 -2.48 12.66 16.48
CA ILE A 215 -3.56 11.90 15.83
C ILE A 215 -3.67 12.20 14.33
N ASP A 216 -3.22 13.39 13.93
CA ASP A 216 -2.85 13.67 12.53
C ASP A 216 -1.64 14.60 12.51
N LYS A 217 -1.19 15.01 11.34
CA LYS A 217 -0.02 15.89 11.22
C LYS A 217 -0.14 17.19 12.03
N ASN A 218 -1.36 17.69 12.19
CA ASN A 218 -1.62 18.99 12.82
C ASN A 218 -2.13 18.93 14.26
N THR A 219 -2.56 17.76 14.72
CA THR A 219 -3.35 17.67 15.95
C THR A 219 -2.71 16.76 17.00
N ILE A 220 -2.56 17.30 18.21
CA ILE A 220 -2.11 16.52 19.36
C ILE A 220 -3.28 16.28 20.31
N ALA A 221 -3.54 15.02 20.65
CA ALA A 221 -4.52 14.67 21.67
C ALA A 221 -3.79 14.43 22.98
N HIS A 222 -4.17 15.16 24.03
CA HIS A 222 -3.44 15.13 25.31
C HIS A 222 -4.36 15.04 26.54
N CYS A 223 -3.81 14.50 27.62
CA CYS A 223 -4.53 14.33 28.88
C CYS A 223 -4.69 15.64 29.67
N ILE A 224 -5.78 15.71 30.44
CA ILE A 224 -6.02 16.78 31.41
C ILE A 224 -6.85 16.19 32.55
N CYS A 225 -7.02 16.95 33.62
CA CYS A 225 -7.78 16.50 34.78
C CYS A 225 -8.84 17.56 35.14
N GLU A 226 -10.11 17.15 35.16
CA GLU A 226 -11.21 18.07 35.48
C GLU A 226 -11.35 18.33 36.98
N ASP A 227 -10.89 17.39 37.80
CA ASP A 227 -10.98 17.51 39.27
C ASP A 227 -9.77 18.26 39.83
N GLU A 228 -10.01 19.46 40.39
CA GLU A 228 -8.95 20.34 40.88
C GLU A 228 -8.26 19.89 42.17
N GLU A 229 -8.86 18.93 42.86
CA GLU A 229 -8.28 18.37 44.08
C GLU A 229 -7.44 17.12 43.80
N ASP A 230 -7.50 16.65 42.55
CA ASP A 230 -6.69 15.53 42.11
C ASP A 230 -5.24 15.98 41.92
N GLU A 231 -4.30 15.12 42.25
CA GLU A 231 -2.88 15.45 42.09
C GLU A 231 -2.48 15.69 40.64
N HIS A 232 -3.28 15.21 39.70
CA HIS A 232 -3.03 15.41 38.28
C HIS A 232 -3.36 16.80 37.75
N TYR A 233 -4.10 17.61 38.51
CA TYR A 233 -4.62 18.88 37.99
C TYR A 233 -3.55 19.79 37.42
N LEU A 234 -2.72 20.40 38.26
CA LEU A 234 -1.77 21.41 37.78
C LEU A 234 -0.56 20.84 37.00
N PRO A 235 -0.17 19.57 37.26
CA PRO A 235 0.82 18.97 36.36
C PRO A 235 0.36 18.91 34.91
N LEU A 236 -0.90 18.50 34.69
CA LEU A 236 -1.46 18.43 33.34
C LEU A 236 -1.86 19.80 32.80
N GLN A 237 -2.18 20.75 33.68
CA GLN A 237 -2.46 22.13 33.26
C GLN A 237 -1.20 22.81 32.73
N LYS A 238 -0.09 22.64 33.45
CA LYS A 238 1.20 23.14 32.99
C LYS A 238 1.62 22.48 31.68
N MET A 239 1.36 21.19 31.55
CA MET A 239 1.62 20.46 30.30
C MET A 239 0.76 21.00 29.16
N LYS A 240 -0.50 21.31 29.46
CA LYS A 240 -1.40 21.89 28.47
C LYS A 240 -0.87 23.23 27.97
N GLU A 241 -0.30 24.02 28.88
CA GLU A 241 0.28 25.32 28.51
C GLU A 241 1.51 25.17 27.61
N GLU A 242 2.36 24.19 27.92
CA GLU A 242 3.49 23.86 27.04
C GLU A 242 3.01 23.49 25.64
N LEU A 243 1.94 22.69 25.58
CA LEU A 243 1.38 22.23 24.31
C LEU A 243 0.77 23.36 23.47
N LYS A 244 0.23 24.38 24.15
CA LYS A 244 -0.30 25.56 23.45
C LYS A 244 0.80 26.34 22.71
N LYS A 245 2.03 26.26 23.21
CA LYS A 245 3.16 26.98 22.60
C LYS A 245 3.73 26.30 21.35
N THR A 246 3.31 25.08 21.06
CA THR A 246 3.80 24.34 19.89
C THR A 246 3.14 24.83 18.60
N GLY A 247 1.90 25.29 18.71
CA GLY A 247 1.15 25.77 17.54
C GLY A 247 0.22 24.73 16.94
N PHE A 248 0.33 23.48 17.36
CA PHE A 248 -0.55 22.42 16.89
C PHE A 248 -1.95 22.58 17.47
N ASP A 249 -2.95 22.08 16.75
CA ASP A 249 -4.31 21.98 17.28
C ASP A 249 -4.34 20.93 18.40
N LEU A 250 -5.21 21.14 19.39
CA LEU A 250 -5.25 20.30 20.58
C LEU A 250 -6.63 19.69 20.83
N LEU A 251 -6.64 18.43 21.23
CA LEU A 251 -7.86 17.68 21.56
C LEU A 251 -7.67 17.12 22.96
N GLU A 252 -8.63 17.37 23.85
CA GLU A 252 -8.46 17.05 25.26
C GLU A 252 -9.01 15.66 25.63
N LEU A 253 -8.21 14.91 26.40
CA LEU A 253 -8.55 13.56 26.84
C LEU A 253 -8.64 13.54 28.36
N PRO A 254 -9.77 13.99 28.93
CA PRO A 254 -9.90 14.03 30.38
C PRO A 254 -9.74 12.64 31.02
N ILE A 255 -8.87 12.54 32.02
CA ILE A 255 -8.64 11.26 32.69
C ILE A 255 -9.89 10.83 33.46
N PRO A 256 -10.03 9.51 33.71
CA PRO A 256 -11.17 9.05 34.50
C PRO A 256 -11.04 9.43 35.97
N LYS A 257 -12.15 9.29 36.69
CA LYS A 257 -12.11 9.38 38.14
C LYS A 257 -11.30 8.18 38.66
N PRO A 258 -10.59 8.37 39.79
CA PRO A 258 -9.67 7.35 40.32
C PRO A 258 -10.22 5.92 40.36
N LEU A 259 -9.45 4.97 39.84
CA LEU A 259 -9.75 3.54 40.00
C LEU A 259 -8.67 2.91 40.87
N TYR A 260 -9.07 1.96 41.71
CA TYR A 260 -8.12 1.30 42.61
C TYR A 260 -8.18 -0.23 42.50
N TYR A 261 -7.01 -0.85 42.59
CA TYR A 261 -6.87 -2.29 42.75
C TYR A 261 -5.91 -2.54 43.92
N GLU A 262 -6.42 -3.21 44.96
CA GLU A 262 -5.67 -3.44 46.20
C GLU A 262 -5.16 -2.13 46.80
N GLU A 263 -6.07 -1.17 46.93
CA GLU A 263 -5.80 0.15 47.50
C GLU A 263 -4.64 0.89 46.82
N ARG A 264 -4.48 0.68 45.52
CA ARG A 264 -3.44 1.35 44.73
C ARG A 264 -4.07 2.00 43.50
N ARG A 265 -3.81 3.29 43.29
CA ARG A 265 -4.38 4.01 42.15
C ARG A 265 -3.81 3.51 40.82
N LEU A 266 -4.71 3.13 39.91
CA LEU A 266 -4.31 2.63 38.59
C LEU A 266 -4.08 3.77 37.62
N GLY A 267 -3.11 3.60 36.73
CA GLY A 267 -2.70 4.66 35.80
C GLY A 267 -3.55 4.71 34.54
N ALA A 268 -4.82 5.05 34.70
CA ALA A 268 -5.75 5.14 33.58
C ALA A 268 -5.47 6.38 32.74
N THR A 269 -5.26 6.16 31.45
CA THR A 269 -5.01 7.23 30.50
C THR A 269 -5.62 6.87 29.15
N TYR A 270 -6.38 7.79 28.57
CA TYR A 270 -6.99 7.59 27.26
C TYR A 270 -5.99 7.82 26.12
N ALA A 271 -4.83 8.39 26.44
CA ALA A 271 -3.78 8.65 25.45
C ALA A 271 -3.11 7.37 24.96
N ASN A 272 -3.28 6.27 25.69
CA ASN A 272 -2.63 5.00 25.33
C ASN A 272 -3.45 4.19 24.31
N PHE A 273 -3.92 4.87 23.26
CA PHE A 273 -4.64 4.22 22.15
C PHE A 273 -3.68 3.78 21.05
N VAL A 274 -4.19 3.06 20.04
CA VAL A 274 -3.35 2.61 18.94
C VAL A 274 -4.06 2.63 17.58
N PHE A 275 -3.39 3.23 16.60
CA PHE A 275 -3.87 3.23 15.23
C PHE A 275 -3.58 1.89 14.58
N ILE A 276 -4.58 1.37 13.89
CA ILE A 276 -4.41 0.26 12.96
C ILE A 276 -5.09 0.71 11.66
N ASN A 277 -5.07 -0.14 10.64
CA ASN A 277 -5.66 0.23 9.35
C ASN A 277 -7.16 0.48 9.48
N ASN A 278 -7.57 1.70 9.12
CA ASN A 278 -8.98 2.11 9.13
C ASN A 278 -9.66 2.20 10.51
N ALA A 279 -8.89 2.07 11.59
CA ALA A 279 -9.45 2.15 12.92
C ALA A 279 -8.48 2.68 13.97
N LEU A 280 -9.04 3.29 15.00
CA LEU A 280 -8.27 3.71 16.17
C LEU A 280 -8.86 2.98 17.37
N ILE A 281 -8.08 2.08 17.96
CA ILE A 281 -8.54 1.32 19.12
C ILE A 281 -8.18 2.11 20.37
N VAL A 282 -9.20 2.45 21.16
CA VAL A 282 -9.02 3.30 22.34
C VAL A 282 -9.29 2.53 23.64
N PRO A 283 -8.50 2.80 24.69
CA PRO A 283 -8.73 2.11 25.95
C PRO A 283 -9.96 2.65 26.67
N PHE A 284 -10.83 1.74 27.13
CA PHE A 284 -12.04 2.09 27.88
C PHE A 284 -11.86 1.60 29.31
N TYR A 285 -12.22 2.44 30.27
CA TYR A 285 -12.05 2.14 31.70
C TYR A 285 -13.38 2.10 32.46
N LYS A 286 -14.49 2.03 31.71
CA LYS A 286 -15.82 2.07 32.28
C LYS A 286 -16.01 3.28 33.22
N ASP A 287 -15.61 4.43 32.71
CA ASP A 287 -15.88 5.73 33.28
C ASP A 287 -16.78 6.44 32.26
N LYS A 288 -17.48 7.49 32.68
CA LYS A 288 -18.32 8.25 31.76
C LYS A 288 -17.49 8.90 30.63
N ASN A 289 -16.20 9.13 30.89
CA ASN A 289 -15.31 9.74 29.90
C ASN A 289 -14.94 8.84 28.72
N ASP A 290 -15.22 7.54 28.82
CA ASP A 290 -15.08 6.64 27.67
C ASP A 290 -15.85 7.18 26.46
N GLU A 291 -17.12 7.50 26.69
CA GLU A 291 -17.98 8.01 25.62
C GLU A 291 -17.48 9.35 25.12
N ILE A 292 -17.10 10.22 26.05
CA ILE A 292 -16.71 11.58 25.71
C ILE A 292 -15.45 11.60 24.82
N ILE A 293 -14.42 10.85 25.21
CA ILE A 293 -13.18 10.81 24.42
C ILE A 293 -13.39 10.07 23.09
N ALA A 294 -14.29 9.09 23.07
CA ALA A 294 -14.59 8.35 21.84
C ALA A 294 -15.29 9.24 20.80
N LYS A 295 -16.22 10.06 21.26
CA LYS A 295 -16.91 11.00 20.37
C LYS A 295 -15.98 12.08 19.83
N ARG A 296 -15.13 12.63 20.71
CA ARG A 296 -14.17 13.67 20.31
C ARG A 296 -13.20 13.17 19.25
N LEU A 297 -12.54 12.06 19.55
CA LEU A 297 -11.57 11.46 18.64
C LEU A 297 -12.22 11.04 17.33
N SER A 298 -13.40 10.44 17.43
CA SER A 298 -14.13 10.00 16.25
C SER A 298 -14.48 11.16 15.33
N LYS A 299 -14.93 12.28 15.91
CA LYS A 299 -15.28 13.45 15.09
C LYS A 299 -14.03 14.05 14.47
N ALA A 300 -12.91 13.97 15.16
CA ALA A 300 -11.63 14.49 14.68
C ALA A 300 -10.95 13.56 13.66
N LEU A 301 -11.38 12.30 13.58
CA LEU A 301 -10.79 11.33 12.66
C LEU A 301 -11.85 10.66 11.79
N PRO A 302 -12.36 11.41 10.80
CA PRO A 302 -13.50 10.94 9.99
C PRO A 302 -13.22 9.80 9.02
N ASN A 303 -11.94 9.41 8.87
CA ASN A 303 -11.58 8.26 8.03
C ASN A 303 -11.31 6.99 8.85
N HIS A 304 -11.56 7.04 10.15
CA HIS A 304 -11.30 5.90 11.04
C HIS A 304 -12.56 5.45 11.78
N LYS A 305 -12.65 4.15 12.05
CA LYS A 305 -13.63 3.64 13.00
C LYS A 305 -12.96 3.70 14.37
N ILE A 306 -13.57 4.43 15.31
CA ILE A 306 -13.08 4.48 16.68
C ILE A 306 -13.76 3.37 17.48
N ILE A 307 -12.97 2.46 18.06
CA ILE A 307 -13.50 1.32 18.81
C ILE A 307 -12.98 1.28 20.24
N GLY A 308 -13.90 1.26 21.21
CA GLY A 308 -13.55 1.12 22.61
C GLY A 308 -13.24 -0.33 22.97
N VAL A 309 -12.15 -0.53 23.72
CA VAL A 309 -11.77 -1.86 24.20
C VAL A 309 -11.46 -1.76 25.69
N ASP A 310 -12.07 -2.64 26.48
CA ASP A 310 -11.93 -2.62 27.93
C ASP A 310 -10.47 -2.86 28.30
N ALA A 311 -9.88 -1.91 29.00
CA ALA A 311 -8.44 -1.91 29.28
C ALA A 311 -8.11 -1.88 30.77
N ARG A 312 -9.10 -2.15 31.63
CA ARG A 312 -8.89 -2.05 33.08
C ARG A 312 -7.84 -3.01 33.65
N VAL A 313 -7.82 -4.25 33.15
CA VAL A 313 -6.92 -5.28 33.67
C VAL A 313 -5.46 -4.98 33.33
N PHE A 314 -5.24 -4.36 32.17
CA PHE A 314 -3.90 -3.95 31.74
C PHE A 314 -3.23 -3.05 32.78
N LEU A 315 -4.03 -2.19 33.41
CA LEU A 315 -3.53 -1.18 34.34
C LEU A 315 -2.92 -1.77 35.63
N ARG A 316 -3.22 -3.03 35.94
CA ARG A 316 -2.65 -3.66 37.14
C ARG A 316 -1.14 -3.81 37.06
N GLN A 317 -0.62 -3.92 35.84
CA GLN A 317 0.82 -3.92 35.60
C GLN A 317 1.26 -2.61 34.93
N ASN A 318 0.49 -1.55 35.15
CA ASN A 318 0.87 -0.15 34.87
C ASN A 318 1.05 0.27 33.40
N GLY A 319 0.43 -0.47 32.48
CA GLY A 319 0.38 -0.07 31.07
C GLY A 319 -1.04 -0.20 30.54
N SER A 320 -1.24 0.17 29.29
CA SER A 320 -2.54 0.01 28.64
C SER A 320 -2.36 -0.53 27.21
N LEU A 321 -3.32 -0.25 26.32
CA LEU A 321 -3.37 -0.91 25.02
C LEU A 321 -2.16 -0.62 24.14
N HIS A 322 -1.80 0.65 24.01
CA HIS A 322 -0.66 1.06 23.18
C HIS A 322 0.63 0.42 23.68
N SER A 323 0.83 0.46 24.99
CA SER A 323 1.93 -0.23 25.67
C SER A 323 2.05 -1.72 25.32
N SER A 324 0.91 -2.37 25.08
CA SER A 324 0.87 -3.82 24.85
C SER A 324 0.94 -4.23 23.39
N CYS A 325 1.36 -3.33 22.50
CA CYS A 325 1.48 -3.68 21.08
C CYS A 325 2.54 -2.86 20.35
N GLN A 326 2.90 -3.33 19.16
CA GLN A 326 3.87 -2.65 18.29
C GLN A 326 3.45 -2.78 16.84
N ASN A 327 3.57 -1.67 16.10
CA ASN A 327 3.15 -1.61 14.72
C ASN A 327 4.29 -1.98 13.77
N ARG A 328 3.98 -2.76 12.74
CA ARG A 328 4.93 -3.10 11.68
C ARG A 328 4.33 -2.67 10.35
N PHE A 329 4.94 -1.67 9.72
CA PHE A 329 4.29 -0.97 8.62
C PHE A 329 4.42 -1.67 7.27
N LYS A 330 3.49 -1.34 6.37
CA LYS A 330 3.39 -1.97 5.06
C LYS A 330 4.21 -1.19 4.03
N GLY A 331 5.08 -1.89 3.32
CA GLY A 331 5.87 -1.28 2.26
C GLY A 331 7.03 -2.12 1.79
N LEU A 332 7.92 -1.49 1.05
CA LEU A 332 9.08 -2.15 0.46
C LEU A 332 10.16 -2.38 1.50
N ARG A 333 10.61 -3.61 1.65
CA ARG A 333 11.72 -3.95 2.54
C ARG A 333 12.95 -4.30 1.72
N GLU B 1 -22.26 -12.18 -38.48
CA GLU B 1 -22.92 -12.76 -37.27
C GLU B 1 -23.75 -11.70 -36.54
N ASN B 2 -25.06 -11.71 -36.78
CA ASN B 2 -25.96 -10.64 -36.29
C ASN B 2 -26.83 -11.10 -35.11
N LEU B 3 -26.20 -11.24 -33.93
CA LEU B 3 -26.88 -11.76 -32.75
C LEU B 3 -27.43 -10.64 -31.86
N TYR B 4 -28.75 -10.63 -31.67
CA TYR B 4 -29.40 -9.67 -30.77
C TYR B 4 -29.99 -10.40 -29.57
N PHE B 5 -29.94 -9.76 -28.41
CA PHE B 5 -30.47 -10.33 -27.18
C PHE B 5 -31.01 -9.23 -26.28
N GLN B 6 -32.26 -9.38 -25.87
CA GLN B 6 -32.96 -8.39 -25.03
C GLN B 6 -32.75 -6.96 -25.54
N GLY B 7 -32.88 -6.79 -26.85
CA GLY B 7 -32.82 -5.48 -27.49
C GLY B 7 -31.44 -5.01 -27.91
N HIS B 8 -30.41 -5.83 -27.71
CA HIS B 8 -29.03 -5.38 -27.91
C HIS B 8 -28.14 -6.39 -28.61
N MET B 9 -27.38 -5.92 -29.60
CA MET B 9 -26.26 -6.67 -30.16
C MET B 9 -24.96 -5.99 -29.76
N ILE B 10 -24.11 -6.72 -29.05
CA ILE B 10 -22.80 -6.22 -28.64
C ILE B 10 -21.72 -6.83 -29.50
N LYS B 11 -20.72 -6.03 -29.87
CA LYS B 11 -19.53 -6.54 -30.56
C LYS B 11 -18.25 -5.95 -29.97
N SER B 12 -17.33 -6.83 -29.58
CA SER B 12 -16.05 -6.43 -29.03
C SER B 12 -15.15 -5.92 -30.15
N ILE B 13 -14.31 -4.95 -29.83
CA ILE B 13 -13.51 -4.27 -30.83
C ILE B 13 -12.07 -4.76 -30.76
N PRO B 14 -11.49 -5.14 -31.92
CA PRO B 14 -10.07 -5.49 -31.94
C PRO B 14 -9.24 -4.21 -31.92
N GLU B 15 -8.04 -4.27 -31.35
CA GLU B 15 -7.25 -3.06 -31.15
C GLU B 15 -6.85 -2.37 -32.47
N TRP B 16 -6.78 -3.15 -33.56
CA TRP B 16 -6.34 -2.61 -34.87
C TRP B 16 -7.43 -1.89 -35.66
N SER B 17 -8.64 -1.79 -35.08
CA SER B 17 -9.71 -1.01 -35.68
C SER B 17 -9.33 0.47 -35.69
N GLU B 18 -10.02 1.23 -36.54
CA GLU B 18 -9.72 2.64 -36.72
C GLU B 18 -9.98 3.41 -35.43
N GLN B 19 -9.07 4.33 -35.10
CA GLN B 19 -9.12 5.04 -33.83
C GLN B 19 -9.19 6.55 -34.02
N GLU B 20 -9.87 7.22 -33.08
N GLU B 20 -9.88 7.22 -33.09
CA GLU B 20 -9.94 8.67 -33.06
CA GLU B 20 -9.95 8.67 -33.04
C GLU B 20 -8.83 9.25 -32.19
C GLU B 20 -8.82 9.24 -32.20
N TYR B 21 -8.58 8.62 -31.04
CA TYR B 21 -7.52 9.06 -30.11
C TYR B 21 -6.72 7.89 -29.55
N LEU B 22 -5.45 8.16 -29.20
CA LEU B 22 -4.73 7.35 -28.22
C LEU B 22 -4.61 8.22 -26.97
N MET B 23 -4.97 7.67 -25.82
CA MET B 23 -5.06 8.44 -24.59
C MET B 23 -3.97 8.04 -23.60
N LEU B 24 -3.34 9.02 -22.97
CA LEU B 24 -2.28 8.76 -21.99
C LEU B 24 -2.48 9.62 -20.75
N SER B 25 -2.02 9.11 -19.60
CA SER B 25 -1.98 9.88 -18.35
C SER B 25 -0.53 10.22 -18.02
N LEU B 26 -0.20 11.51 -18.01
CA LEU B 26 1.18 11.96 -17.82
C LEU B 26 1.72 11.71 -16.43
N PRO B 27 3.01 11.33 -16.33
CA PRO B 27 3.71 11.31 -15.05
C PRO B 27 3.80 12.73 -14.48
N HIS B 28 3.57 12.87 -13.18
CA HIS B 28 3.64 14.17 -12.50
C HIS B 28 4.34 14.05 -11.14
N GLU B 29 4.57 15.19 -10.50
CA GLU B 29 5.35 15.24 -9.25
C GLU B 29 4.69 14.53 -8.05
N LYS B 30 3.37 14.39 -8.06
CA LYS B 30 2.66 13.66 -7.01
C LYS B 30 2.45 12.17 -7.32
N SER B 31 3.07 11.65 -8.36
CA SER B 31 3.00 10.22 -8.68
C SER B 31 4.26 9.49 -8.23
N ASP B 32 4.24 8.17 -8.28
CA ASP B 32 5.40 7.36 -7.94
C ASP B 32 6.60 7.60 -8.88
N TRP B 33 6.34 8.20 -10.04
CA TRP B 33 7.40 8.54 -11.00
C TRP B 33 8.30 9.67 -10.51
N ASN B 34 7.89 10.38 -9.48
CA ASN B 34 8.55 11.64 -9.08
C ASN B 34 10.07 11.62 -9.00
N PRO B 35 10.67 10.64 -8.30
CA PRO B 35 12.15 10.64 -8.12
C PRO B 35 12.97 10.57 -9.42
N TYR B 36 12.37 10.06 -10.50
CA TYR B 36 13.00 10.08 -11.82
C TYR B 36 12.00 10.54 -12.89
N LEU B 37 11.33 11.65 -12.58
CA LEU B 37 10.26 12.18 -13.40
C LEU B 37 10.74 12.56 -14.80
N GLU B 38 11.91 13.16 -14.89
CA GLU B 38 12.44 13.62 -16.17
C GLU B 38 12.85 12.50 -17.11
N GLU B 39 13.23 11.35 -16.56
CA GLU B 39 13.58 10.19 -17.39
C GLU B 39 12.35 9.60 -18.08
N ILE B 40 11.27 9.42 -17.33
CA ILE B 40 10.02 8.90 -17.89
C ILE B 40 9.33 9.93 -18.79
N LEU B 41 9.42 11.21 -18.43
CA LEU B 41 8.86 12.25 -19.30
C LEU B 41 9.58 12.31 -20.63
N GLN B 42 10.91 12.18 -20.61
CA GLN B 42 11.67 12.10 -21.84
C GLN B 42 11.17 10.95 -22.72
N SER B 43 10.93 9.79 -22.12
CA SER B 43 10.38 8.65 -22.84
C SER B 43 8.96 8.92 -23.35
N TYR B 44 8.14 9.59 -22.54
CA TYR B 44 6.81 9.99 -22.97
C TYR B 44 6.87 10.92 -24.18
N LYS B 45 7.80 11.88 -24.17
CA LYS B 45 8.01 12.78 -25.31
C LYS B 45 8.26 12.01 -26.60
N GLU B 46 9.14 11.01 -26.55
CA GLU B 46 9.41 10.14 -27.70
C GLU B 46 8.16 9.39 -28.13
N PHE B 47 7.49 8.79 -27.16
CA PHE B 47 6.30 7.98 -27.41
C PHE B 47 5.19 8.81 -28.05
N VAL B 48 4.98 10.03 -27.54
CA VAL B 48 3.94 10.92 -28.06
C VAL B 48 4.20 11.35 -29.51
N LYS B 49 5.44 11.75 -29.81
CA LYS B 49 5.84 12.17 -31.15
C LYS B 49 5.55 11.09 -32.20
N VAL B 50 5.98 9.87 -31.92
CA VAL B 50 5.79 8.75 -32.84
C VAL B 50 4.30 8.55 -33.15
N VAL B 51 3.49 8.50 -32.10
CA VAL B 51 2.06 8.25 -32.22
C VAL B 51 1.33 9.41 -32.90
N SER B 52 1.75 10.65 -32.62
CA SER B 52 1.11 11.84 -33.16
C SER B 52 1.19 11.93 -34.70
N GLU B 53 2.15 11.23 -35.29
CA GLU B 53 2.28 11.19 -36.74
C GLU B 53 1.14 10.43 -37.43
N PHE B 54 0.48 9.51 -36.70
CA PHE B 54 -0.55 8.64 -37.29
C PHE B 54 -1.98 8.93 -36.82
N GLN B 55 -2.14 9.48 -35.62
CA GLN B 55 -3.45 9.88 -35.12
C GLN B 55 -3.32 10.86 -33.96
N LYS B 56 -4.43 11.44 -33.57
CA LYS B 56 -4.44 12.41 -32.47
C LYS B 56 -4.12 11.74 -31.15
N VAL B 57 -3.48 12.50 -30.26
CA VAL B 57 -3.12 12.02 -28.93
C VAL B 57 -3.79 12.89 -27.87
N LEU B 58 -4.39 12.25 -26.87
CA LEU B 58 -4.95 12.95 -25.73
C LEU B 58 -4.08 12.71 -24.49
N LEU B 59 -3.62 13.80 -23.89
CA LEU B 59 -2.80 13.74 -22.69
C LEU B 59 -3.58 14.29 -21.52
N ILE B 60 -3.61 13.52 -20.43
CA ILE B 60 -4.34 13.88 -19.23
C ILE B 60 -3.34 14.09 -18.10
N ALA B 61 -3.50 15.18 -17.35
CA ALA B 61 -2.58 15.49 -16.25
C ALA B 61 -3.22 16.48 -15.26
N PRO B 62 -2.77 16.48 -13.99
CA PRO B 62 -3.34 17.36 -12.98
C PRO B 62 -3.17 18.87 -13.19
N LYS B 63 -2.14 19.30 -13.91
CA LYS B 63 -1.85 20.73 -14.07
C LYS B 63 -1.48 21.11 -15.49
N GLN B 64 -1.66 22.38 -15.84
CA GLN B 64 -1.32 22.89 -17.17
C GLN B 64 0.18 22.79 -17.45
N SER B 65 0.98 23.06 -16.42
CA SER B 65 2.45 22.96 -16.52
C SER B 65 2.94 21.57 -16.97
N ASP B 66 2.18 20.52 -16.65
CA ASP B 66 2.51 19.16 -17.11
C ASP B 66 2.41 19.04 -18.64
N PHE B 67 1.49 19.78 -19.25
CA PHE B 67 1.33 19.79 -20.71
C PHE B 67 2.41 20.59 -21.41
N GLU B 68 3.06 21.50 -20.68
CA GLU B 68 4.05 22.41 -21.24
C GLU B 68 5.17 21.68 -21.99
N ASN B 69 5.55 20.50 -21.48
CA ASN B 69 6.55 19.66 -22.15
C ASN B 69 6.16 19.16 -23.55
N PHE B 70 4.87 19.21 -23.88
CA PHE B 70 4.35 18.64 -25.13
C PHE B 70 3.62 19.68 -26.00
N LYS B 71 3.76 20.95 -25.67
CA LYS B 71 2.95 22.01 -26.29
C LYS B 71 3.19 22.20 -27.79
N ASP B 72 4.42 21.97 -28.24
CA ASP B 72 4.80 22.20 -29.64
C ASP B 72 4.70 20.94 -30.52
N ILE B 73 3.96 19.94 -30.06
CA ILE B 73 3.74 18.73 -30.85
C ILE B 73 2.37 18.79 -31.53
N LYS B 74 2.36 18.64 -32.86
CA LYS B 74 1.13 18.68 -33.65
C LYS B 74 0.25 17.49 -33.31
N ASN B 75 -1.06 17.65 -33.47
CA ASN B 75 -2.03 16.57 -33.23
C ASN B 75 -2.17 16.10 -31.77
N VAL B 76 -1.79 16.96 -30.82
CA VAL B 76 -1.89 16.62 -29.41
C VAL B 76 -2.88 17.55 -28.71
N GLU B 77 -3.75 16.97 -27.90
CA GLU B 77 -4.73 17.73 -27.11
C GLU B 77 -4.53 17.38 -25.63
N PHE B 78 -5.03 18.26 -24.76
CA PHE B 78 -4.80 18.14 -23.33
C PHE B 78 -6.11 18.17 -22.55
N PHE B 79 -6.19 17.39 -21.47
CA PHE B 79 -7.32 17.46 -20.55
C PHE B 79 -6.83 17.45 -19.09
N LYS B 80 -7.13 18.54 -18.37
CA LYS B 80 -6.68 18.71 -16.99
C LYS B 80 -7.53 17.85 -16.03
N CYS B 81 -6.88 16.99 -15.25
CA CYS B 81 -7.58 16.08 -14.34
C CYS B 81 -6.66 15.46 -13.29
N ASP B 82 -7.16 15.33 -12.07
CA ASP B 82 -6.43 14.69 -10.97
C ASP B 82 -6.27 13.18 -11.19
N THR B 83 -5.06 12.66 -10.98
CA THR B 83 -4.76 11.25 -11.19
C THR B 83 -3.78 10.72 -10.14
N ASN B 84 -3.88 9.44 -9.82
CA ASN B 84 -2.94 8.76 -8.92
C ASN B 84 -1.66 8.35 -9.65
N ASP B 85 -1.84 7.66 -10.78
CA ASP B 85 -0.71 7.11 -11.54
C ASP B 85 -1.02 7.23 -13.05
N THR B 86 -0.21 6.56 -13.87
CA THR B 86 -0.20 6.79 -15.31
C THR B 86 -0.79 5.68 -16.17
N TRP B 87 -1.19 4.57 -15.54
CA TRP B 87 -1.53 3.35 -16.27
C TRP B 87 -2.97 3.35 -16.75
N ILE B 88 -3.25 4.21 -17.74
CA ILE B 88 -4.61 4.42 -18.23
C ILE B 88 -5.21 3.21 -18.97
N ARG B 89 -4.37 2.27 -19.39
CA ARG B 89 -4.85 0.99 -19.91
C ARG B 89 -5.78 0.28 -18.91
N ASP B 90 -5.50 0.45 -17.63
CA ASP B 90 -6.17 -0.32 -16.57
C ASP B 90 -7.30 0.43 -15.85
N PHE B 91 -7.34 1.75 -15.96
CA PHE B 91 -8.49 2.50 -15.44
C PHE B 91 -9.28 3.26 -16.52
N GLY B 92 -8.77 3.29 -17.75
CA GLY B 92 -9.41 4.03 -18.83
C GLY B 92 -10.63 3.32 -19.40
N ALA B 93 -11.48 4.09 -20.05
CA ALA B 93 -12.72 3.55 -20.63
C ALA B 93 -12.42 2.52 -21.72
N ILE B 94 -13.31 1.54 -21.85
CA ILE B 94 -13.20 0.50 -22.87
C ILE B 94 -14.42 0.56 -23.78
N ASP B 95 -14.19 0.71 -25.08
CA ASP B 95 -15.27 0.83 -26.06
C ASP B 95 -15.84 -0.52 -26.49
N ILE B 96 -17.11 -0.51 -26.85
CA ILE B 96 -17.77 -1.62 -27.54
C ILE B 96 -18.70 -1.04 -28.61
N VAL B 97 -19.05 -1.84 -29.60
CA VAL B 97 -20.12 -1.46 -30.53
C VAL B 97 -21.40 -2.05 -29.96
N GLU B 98 -22.32 -1.17 -29.53
CA GLU B 98 -23.63 -1.60 -29.03
C GLU B 98 -24.71 -1.07 -29.99
N ASN B 99 -25.40 -2.00 -30.65
CA ASN B 99 -26.42 -1.67 -31.65
C ASN B 99 -25.92 -0.69 -32.70
N GLY B 100 -24.79 -1.03 -33.30
CA GLY B 100 -24.19 -0.23 -34.38
C GLY B 100 -23.52 1.07 -33.98
N ARG B 101 -23.42 1.35 -32.68
CA ARG B 101 -22.84 2.61 -32.18
C ARG B 101 -21.79 2.34 -31.11
N LEU B 102 -20.76 3.19 -31.07
CA LEU B 102 -19.71 3.06 -30.07
C LEU B 102 -20.21 3.43 -28.68
N LYS B 103 -19.92 2.59 -27.70
CA LYS B 103 -20.33 2.82 -26.32
C LYS B 103 -19.16 2.55 -25.37
N ALA B 104 -18.78 3.57 -24.60
CA ALA B 104 -17.66 3.49 -23.68
C ALA B 104 -18.11 2.94 -22.33
N LEU B 105 -17.42 1.91 -21.84
CA LEU B 105 -17.74 1.30 -20.55
C LEU B 105 -16.79 1.79 -19.46
N ASP B 106 -17.31 1.92 -18.25
CA ASP B 106 -16.54 2.39 -17.10
C ASP B 106 -16.53 1.34 -15.98
N PHE B 107 -15.48 0.52 -15.96
CA PHE B 107 -15.33 -0.51 -14.94
C PHE B 107 -14.70 0.06 -13.67
N THR B 108 -14.77 -0.71 -12.59
CA THR B 108 -14.16 -0.32 -11.31
C THR B 108 -12.67 -0.70 -11.31
N PHE B 109 -11.83 0.23 -10.85
CA PHE B 109 -10.39 0.03 -10.80
C PHE B 109 -9.93 0.25 -9.36
N ASN B 110 -9.31 -0.78 -8.77
CA ASN B 110 -8.85 -0.75 -7.39
C ASN B 110 -7.33 -0.86 -7.23
N ALA B 111 -6.60 -0.52 -8.30
CA ALA B 111 -5.12 -0.63 -8.34
C ALA B 111 -4.59 -2.06 -8.15
N TRP B 112 -5.09 -2.98 -8.99
CA TRP B 112 -4.53 -4.34 -9.11
C TRP B 112 -4.57 -5.11 -7.79
N GLY B 113 -5.69 -4.97 -7.08
CA GLY B 113 -5.87 -5.62 -5.77
C GLY B 113 -5.56 -4.72 -4.59
N ASN B 114 -5.80 -3.42 -4.75
CA ASN B 114 -5.50 -2.41 -3.71
C ASN B 114 -4.02 -2.39 -3.28
N LYS B 115 -3.12 -2.60 -4.23
CA LYS B 115 -1.68 -2.49 -3.99
C LYS B 115 -1.26 -1.02 -3.87
N PHE B 116 -2.05 -0.11 -4.44
CA PHE B 116 -1.77 1.33 -4.40
C PHE B 116 -3.06 2.15 -4.29
N GLN B 117 -2.91 3.46 -4.15
CA GLN B 117 -4.04 4.39 -4.15
C GLN B 117 -4.70 4.42 -5.52
N SER B 118 -6.03 4.33 -5.56
CA SER B 118 -6.77 4.17 -6.81
C SER B 118 -7.98 5.08 -7.01
N GLU B 119 -8.21 6.02 -6.10
CA GLU B 119 -9.48 6.75 -6.07
C GLU B 119 -9.58 7.81 -7.17
N LEU B 120 -8.49 8.55 -7.40
CA LEU B 120 -8.44 9.58 -8.44
C LEU B 120 -8.45 8.96 -9.83
N ASP B 121 -7.54 8.00 -10.05
CA ASP B 121 -7.42 7.29 -11.33
C ASP B 121 -8.78 6.83 -11.86
N ASN B 122 -9.56 6.26 -10.96
CA ASN B 122 -10.79 5.58 -11.35
C ASN B 122 -12.02 6.51 -11.41
N ALA B 123 -11.82 7.79 -11.08
CA ALA B 123 -12.82 8.85 -11.33
C ALA B 123 -12.50 9.67 -12.59
N VAL B 124 -11.43 9.33 -13.29
CA VAL B 124 -10.99 10.07 -14.48
C VAL B 124 -12.01 9.97 -15.61
N ASN B 125 -12.51 8.76 -15.85
CA ASN B 125 -13.47 8.52 -16.92
C ASN B 125 -14.72 9.38 -16.78
N SER B 126 -15.23 9.53 -15.56
CA SER B 126 -16.37 10.41 -15.30
C SER B 126 -16.08 11.84 -15.75
N LYS B 127 -14.98 12.39 -15.26
CA LYS B 127 -14.62 13.78 -15.55
C LYS B 127 -14.33 13.98 -17.04
N LEU B 128 -13.59 13.05 -17.64
CA LEU B 128 -13.24 13.16 -19.06
C LEU B 128 -14.47 13.15 -19.96
N PHE B 129 -15.39 12.23 -19.71
CA PHE B 129 -16.60 12.09 -20.53
C PHE B 129 -17.63 13.19 -20.25
N LYS B 130 -17.73 13.62 -18.99
CA LYS B 130 -18.68 14.68 -18.62
C LYS B 130 -18.26 16.04 -19.18
N GLU B 131 -16.97 16.35 -19.09
CA GLU B 131 -16.47 17.69 -19.42
C GLU B 131 -15.91 17.86 -20.84
N LYS B 132 -15.18 16.88 -21.35
CA LYS B 132 -14.58 17.00 -22.70
C LYS B 132 -15.44 16.39 -23.79
N PHE B 133 -15.70 15.08 -23.70
CA PHE B 133 -16.45 14.37 -24.73
C PHE B 133 -17.96 14.65 -24.71
N LYS B 134 -18.50 15.08 -23.57
CA LYS B 134 -19.93 15.34 -23.42
C LYS B 134 -20.72 14.15 -23.97
N GLU B 135 -20.56 13.03 -23.29
CA GLU B 135 -20.96 11.74 -23.81
C GLU B 135 -21.31 10.85 -22.63
N GLU B 136 -22.45 10.17 -22.72
CA GLU B 136 -22.89 9.29 -21.65
C GLU B 136 -21.97 8.08 -21.55
N LEU B 137 -21.79 7.60 -20.32
CA LEU B 137 -20.81 6.59 -20.00
C LEU B 137 -21.51 5.45 -19.29
N LYS B 138 -21.34 4.23 -19.80
CA LYS B 138 -22.01 3.06 -19.23
C LYS B 138 -21.22 2.52 -18.03
N LYS B 139 -21.76 2.74 -16.83
CA LYS B 139 -21.14 2.27 -15.59
C LYS B 139 -21.37 0.78 -15.45
N VAL B 140 -20.31 0.05 -15.10
CA VAL B 140 -20.40 -1.38 -14.82
C VAL B 140 -19.71 -1.65 -13.48
N ASP B 141 -20.50 -2.05 -12.49
CA ASP B 141 -19.97 -2.35 -11.16
C ASP B 141 -19.27 -3.70 -11.18
N PHE B 142 -18.01 -3.68 -11.61
CA PHE B 142 -17.21 -4.88 -11.78
C PHE B 142 -15.74 -4.47 -11.83
N ILE B 143 -14.91 -5.16 -11.06
CA ILE B 143 -13.48 -4.87 -11.05
C ILE B 143 -12.85 -5.51 -12.28
N LEU B 144 -12.26 -4.69 -13.13
CA LEU B 144 -11.60 -5.17 -14.34
C LEU B 144 -10.63 -4.12 -14.87
N GLU B 145 -9.43 -4.57 -15.23
CA GLU B 145 -8.46 -3.71 -15.92
C GLU B 145 -8.45 -4.07 -17.41
N GLY B 146 -8.35 -3.04 -18.25
CA GLY B 146 -8.24 -3.24 -19.70
C GLY B 146 -7.02 -4.06 -20.13
N GLY B 147 -5.98 -4.04 -19.29
CA GLY B 147 -4.79 -4.83 -19.55
C GLY B 147 -4.92 -6.33 -19.33
N SER B 148 -6.00 -6.76 -18.66
CA SER B 148 -6.20 -8.19 -18.37
C SER B 148 -6.99 -8.94 -19.45
N ILE B 149 -7.42 -8.25 -20.50
CA ILE B 149 -8.25 -8.82 -21.56
C ILE B 149 -7.74 -8.45 -22.94
N ASP B 150 -8.07 -9.24 -23.95
CA ASP B 150 -7.59 -9.02 -25.32
C ASP B 150 -8.52 -9.71 -26.31
N PHE B 151 -8.83 -9.01 -27.41
CA PHE B 151 -9.89 -9.43 -28.34
C PHE B 151 -9.38 -9.61 -29.76
N ASN B 152 -9.92 -10.60 -30.47
CA ASN B 152 -9.62 -10.80 -31.89
C ASN B 152 -10.65 -10.13 -32.81
N GLY B 153 -11.66 -9.51 -32.21
CA GLY B 153 -12.69 -8.78 -32.96
C GLY B 153 -13.71 -9.67 -33.67
N GLU B 154 -13.72 -10.96 -33.35
CA GLU B 154 -14.67 -11.91 -33.95
C GLU B 154 -15.46 -12.65 -32.86
N GLY B 155 -15.43 -12.14 -31.63
CA GLY B 155 -16.13 -12.75 -30.51
C GLY B 155 -15.29 -13.64 -29.60
N VAL B 156 -13.98 -13.68 -29.84
CA VAL B 156 -13.06 -14.42 -28.98
C VAL B 156 -12.30 -13.44 -28.08
N MET B 157 -12.05 -13.86 -26.84
CA MET B 157 -11.25 -13.08 -25.91
C MET B 157 -10.18 -13.97 -25.28
N LEU B 158 -9.07 -13.34 -24.94
CA LEU B 158 -7.91 -14.03 -24.37
C LEU B 158 -7.65 -13.42 -23.00
N THR B 159 -7.39 -14.27 -22.01
CA THR B 159 -7.11 -13.77 -20.64
C THR B 159 -6.37 -14.83 -19.80
N SER B 160 -6.02 -14.45 -18.57
CA SER B 160 -5.32 -15.34 -17.65
C SER B 160 -6.15 -15.60 -16.38
N SER B 161 -6.17 -16.86 -15.95
CA SER B 161 -6.93 -17.29 -14.78
C SER B 161 -6.39 -16.69 -13.48
N HIS B 162 -5.06 -16.59 -13.39
CA HIS B 162 -4.40 -16.09 -12.19
C HIS B 162 -4.75 -14.64 -11.86
N CYS B 163 -5.07 -13.85 -12.88
CA CYS B 163 -5.45 -12.45 -12.68
C CYS B 163 -6.91 -12.30 -12.27
N LEU B 164 -7.79 -12.87 -13.07
CA LEU B 164 -9.23 -12.65 -12.94
C LEU B 164 -9.84 -13.41 -11.75
N LEU B 165 -9.30 -14.58 -11.45
CA LEU B 165 -9.79 -15.41 -10.36
C LEU B 165 -9.08 -15.14 -9.04
N ASN B 166 -8.14 -14.20 -9.04
CA ASN B 166 -7.39 -13.83 -7.85
C ASN B 166 -8.29 -13.36 -6.70
N GLU B 167 -7.85 -13.62 -5.47
CA GLU B 167 -8.57 -13.19 -4.26
C GLU B 167 -8.87 -11.70 -4.28
N ASN B 168 -7.94 -10.93 -4.82
CA ASN B 168 -8.03 -9.46 -4.79
C ASN B 168 -8.79 -8.82 -5.96
N ARG B 169 -9.43 -9.63 -6.80
CA ARG B 169 -10.33 -9.11 -7.84
C ARG B 169 -11.78 -9.34 -7.44
N ASN B 170 -12.50 -10.21 -8.16
CA ASN B 170 -13.91 -10.47 -7.89
C ASN B 170 -14.06 -11.85 -7.24
N SER B 171 -13.46 -11.99 -6.06
CA SER B 171 -13.41 -13.26 -5.35
C SER B 171 -14.78 -13.79 -4.91
N HIS B 172 -15.76 -12.89 -4.80
CA HIS B 172 -17.15 -13.27 -4.51
C HIS B 172 -17.80 -14.12 -5.62
N LEU B 173 -17.26 -14.03 -6.84
CA LEU B 173 -17.72 -14.87 -7.95
C LEU B 173 -16.72 -15.99 -8.23
N ASN B 174 -17.20 -17.10 -8.79
CA ASN B 174 -16.32 -18.18 -9.25
C ASN B 174 -16.05 -18.03 -10.75
N LYS B 175 -15.22 -18.94 -11.30
CA LYS B 175 -14.81 -18.82 -12.70
C LYS B 175 -16.00 -18.82 -13.67
N THR B 176 -16.91 -19.79 -13.49
CA THR B 176 -18.06 -19.93 -14.39
C THR B 176 -18.88 -18.63 -14.45
N GLN B 177 -19.12 -18.03 -13.30
CA GLN B 177 -19.88 -16.78 -13.21
C GLN B 177 -19.19 -15.64 -13.94
N ILE B 178 -17.87 -15.56 -13.81
CA ILE B 178 -17.08 -14.49 -14.43
C ILE B 178 -16.97 -14.70 -15.94
N ASP B 179 -16.75 -15.94 -16.36
CA ASP B 179 -16.81 -16.31 -17.77
C ASP B 179 -18.15 -15.88 -18.39
N THR B 180 -19.24 -16.15 -17.69
CA THR B 180 -20.59 -15.80 -18.14
C THR B 180 -20.79 -14.28 -18.27
N LYS B 181 -20.40 -13.54 -17.24
CA LYS B 181 -20.57 -12.07 -17.23
C LYS B 181 -19.83 -11.37 -18.36
N LEU B 182 -18.57 -11.72 -18.59
CA LEU B 182 -17.76 -11.08 -19.62
C LEU B 182 -18.25 -11.39 -21.03
N LYS B 183 -18.84 -12.57 -21.21
CA LYS B 183 -19.47 -12.92 -22.48
C LYS B 183 -20.67 -12.03 -22.78
N GLU B 184 -21.50 -11.80 -21.77
CA GLU B 184 -22.65 -10.90 -21.90
C GLU B 184 -22.20 -9.48 -22.20
N ILE B 185 -21.26 -8.98 -21.40
CA ILE B 185 -20.76 -7.61 -21.52
C ILE B 185 -20.11 -7.33 -22.88
N PHE B 186 -19.33 -8.28 -23.40
CA PHE B 186 -18.58 -8.08 -24.65
C PHE B 186 -19.13 -8.84 -25.85
N GLY B 187 -20.24 -9.57 -25.67
CA GLY B 187 -20.88 -10.31 -26.76
C GLY B 187 -19.97 -11.37 -27.36
N LEU B 188 -19.42 -12.21 -26.49
CA LEU B 188 -18.37 -13.15 -26.90
C LEU B 188 -18.91 -14.56 -27.09
N LYS B 189 -18.35 -15.26 -28.08
CA LYS B 189 -18.56 -16.69 -28.24
C LYS B 189 -17.68 -17.49 -27.28
N GLN B 190 -16.44 -17.02 -27.08
CA GLN B 190 -15.43 -17.79 -26.39
C GLN B 190 -14.44 -16.91 -25.62
N ILE B 191 -14.03 -17.40 -24.44
CA ILE B 191 -12.95 -16.80 -23.68
C ILE B 191 -11.91 -17.89 -23.43
N ILE B 192 -10.68 -17.65 -23.88
CA ILE B 192 -9.58 -18.58 -23.63
C ILE B 192 -8.88 -18.20 -22.34
N TRP B 193 -9.05 -19.04 -21.31
CA TRP B 193 -8.42 -18.82 -20.02
C TRP B 193 -7.06 -19.51 -20.00
N LEU B 194 -5.98 -18.74 -20.00
CA LEU B 194 -4.64 -19.30 -19.91
C LEU B 194 -4.26 -19.59 -18.46
N GLU B 195 -3.87 -20.83 -18.19
CA GLU B 195 -3.54 -21.31 -16.85
C GLU B 195 -2.08 -21.03 -16.47
N ASN B 196 -1.19 -21.03 -17.47
CA ASN B 196 0.24 -20.82 -17.22
C ASN B 196 0.78 -19.53 -17.84
N GLY B 197 1.87 -19.03 -17.26
CA GLY B 197 2.61 -17.90 -17.82
C GLY B 197 2.69 -16.67 -16.92
N PHE B 198 3.88 -16.08 -16.85
CA PHE B 198 4.05 -14.80 -16.14
C PHE B 198 5.30 -14.08 -16.63
N ILE B 199 5.47 -12.85 -16.16
CA ILE B 199 6.70 -12.08 -16.39
C ILE B 199 7.20 -11.48 -15.06
N LYS B 200 8.21 -12.11 -14.47
CA LYS B 200 8.94 -11.56 -13.31
C LYS B 200 9.17 -10.06 -13.40
N GLY B 201 8.62 -9.34 -12.41
CA GLY B 201 8.63 -7.88 -12.40
C GLY B 201 7.21 -7.32 -12.44
N ASP B 202 6.34 -7.97 -13.20
CA ASP B 202 4.93 -7.65 -13.25
C ASP B 202 4.27 -7.73 -11.87
N ASP B 203 3.48 -6.72 -11.51
CA ASP B 203 2.77 -6.70 -10.21
C ASP B 203 1.25 -6.61 -10.35
N THR B 204 0.73 -7.02 -11.51
CA THR B 204 -0.71 -6.99 -11.80
C THR B 204 -1.39 -8.32 -11.55
N ASP B 205 -0.60 -9.35 -11.23
CA ASP B 205 -1.08 -10.73 -11.17
C ASP B 205 -1.30 -11.30 -12.58
N HIS B 206 -0.33 -11.08 -13.47
CA HIS B 206 -0.22 -11.78 -14.76
C HIS B 206 -1.23 -11.30 -15.81
N HIS B 207 -1.19 -10.01 -16.12
CA HIS B 207 -2.02 -9.44 -17.18
C HIS B 207 -1.74 -10.10 -18.52
N ILE B 208 -2.80 -10.42 -19.27
CA ILE B 208 -2.65 -11.04 -20.59
C ILE B 208 -1.84 -10.17 -21.55
N ASP B 209 -1.88 -8.85 -21.39
CA ASP B 209 -1.12 -7.94 -22.26
C ASP B 209 0.40 -7.94 -22.00
N THR B 210 0.85 -8.71 -21.01
CA THR B 210 2.28 -9.01 -20.83
C THR B 210 2.65 -10.39 -21.39
N LEU B 211 1.67 -11.13 -21.92
CA LEU B 211 1.86 -12.54 -22.28
C LEU B 211 1.47 -12.86 -23.72
N ALA B 212 0.22 -12.61 -24.08
CA ALA B 212 -0.34 -13.04 -25.36
C ALA B 212 -1.29 -12.01 -25.95
N ARG B 213 -1.15 -11.75 -27.26
CA ARG B 213 -1.92 -10.70 -27.94
C ARG B 213 -2.38 -11.13 -29.33
N PHE B 214 -3.63 -10.88 -29.65
CA PHE B 214 -4.11 -11.03 -31.03
C PHE B 214 -3.51 -9.91 -31.89
N ILE B 215 -2.99 -10.27 -33.06
CA ILE B 215 -2.47 -9.28 -34.01
C ILE B 215 -3.29 -9.20 -35.31
N ASP B 216 -4.02 -10.27 -35.62
CA ASP B 216 -5.16 -10.22 -36.53
C ASP B 216 -6.21 -11.24 -36.05
N LYS B 217 -7.30 -11.40 -36.78
CA LYS B 217 -8.35 -12.35 -36.39
C LYS B 217 -7.87 -13.80 -36.18
N ASN B 218 -6.79 -14.20 -36.85
CA ASN B 218 -6.28 -15.58 -36.81
C ASN B 218 -5.02 -15.82 -35.99
N THR B 219 -4.29 -14.76 -35.68
CA THR B 219 -2.93 -14.90 -35.19
C THR B 219 -2.77 -14.38 -33.76
N ILE B 220 -2.05 -15.14 -32.94
CA ILE B 220 -1.73 -14.73 -31.58
C ILE B 220 -0.22 -14.62 -31.42
N ALA B 221 0.25 -13.46 -30.98
CA ALA B 221 1.66 -13.25 -30.66
C ALA B 221 1.85 -13.48 -29.17
N HIS B 222 2.68 -14.46 -28.82
CA HIS B 222 2.90 -14.80 -27.42
C HIS B 222 4.39 -14.80 -27.03
N CYS B 223 4.64 -14.51 -25.76
CA CYS B 223 5.99 -14.54 -25.21
C CYS B 223 6.48 -15.97 -25.11
N ILE B 224 7.81 -16.14 -25.22
CA ILE B 224 8.44 -17.44 -25.04
C ILE B 224 9.84 -17.24 -24.44
N CYS B 225 10.37 -18.29 -23.83
CA CYS B 225 11.72 -18.29 -23.29
C CYS B 225 12.38 -19.63 -23.61
N GLU B 226 13.57 -19.57 -24.22
CA GLU B 226 14.30 -20.78 -24.62
C GLU B 226 15.55 -21.06 -23.76
N ASP B 227 15.78 -20.25 -22.73
CA ASP B 227 16.86 -20.50 -21.78
C ASP B 227 16.30 -21.33 -20.63
N GLU B 228 16.72 -22.59 -20.56
CA GLU B 228 16.19 -23.53 -19.57
C GLU B 228 16.54 -23.16 -18.13
N GLU B 229 17.66 -22.44 -17.94
CA GLU B 229 18.06 -21.99 -16.60
C GLU B 229 17.19 -20.85 -16.07
N ASP B 230 16.43 -20.20 -16.97
CA ASP B 230 15.53 -19.11 -16.60
C ASP B 230 14.20 -19.64 -16.03
N GLU B 231 13.68 -18.94 -15.03
CA GLU B 231 12.40 -19.33 -14.41
C GLU B 231 11.19 -19.16 -15.34
N HIS B 232 11.36 -18.40 -16.41
CA HIS B 232 10.31 -18.24 -17.42
C HIS B 232 10.15 -19.42 -18.35
N TYR B 233 11.12 -20.33 -18.38
CA TYR B 233 11.09 -21.44 -19.34
C TYR B 233 9.84 -22.30 -19.20
N LEU B 234 9.69 -22.98 -18.07
CA LEU B 234 8.59 -23.93 -17.89
C LEU B 234 7.22 -23.25 -18.03
N PRO B 235 7.00 -22.14 -17.30
CA PRO B 235 5.71 -21.47 -17.40
C PRO B 235 5.32 -21.11 -18.84
N LEU B 236 6.26 -20.53 -19.58
CA LEU B 236 5.96 -20.08 -20.95
C LEU B 236 5.90 -21.23 -21.96
N GLN B 237 6.62 -22.32 -21.69
CA GLN B 237 6.46 -23.54 -22.48
C GLN B 237 5.07 -24.13 -22.29
N LYS B 238 4.61 -24.17 -21.04
CA LYS B 238 3.25 -24.62 -20.74
C LYS B 238 2.19 -23.71 -21.37
N MET B 239 2.43 -22.40 -21.35
CA MET B 239 1.54 -21.46 -22.00
C MET B 239 1.49 -21.71 -23.51
N LYS B 240 2.66 -21.97 -24.12
CA LYS B 240 2.73 -22.27 -25.55
C LYS B 240 1.93 -23.52 -25.90
N GLU B 241 2.05 -24.56 -25.08
CA GLU B 241 1.28 -25.79 -25.28
C GLU B 241 -0.22 -25.55 -25.10
N GLU B 242 -0.60 -24.66 -24.19
CA GLU B 242 -2.00 -24.23 -24.06
C GLU B 242 -2.48 -23.52 -25.32
N LEU B 243 -1.63 -22.67 -25.89
CA LEU B 243 -1.99 -21.89 -27.07
C LEU B 243 -2.01 -22.71 -28.36
N LYS B 244 -1.23 -23.80 -28.42
CA LYS B 244 -1.23 -24.67 -29.59
C LYS B 244 -2.56 -25.41 -29.76
N LYS B 245 -3.26 -25.63 -28.64
CA LYS B 245 -4.54 -26.32 -28.66
C LYS B 245 -5.73 -25.43 -29.05
N THR B 246 -5.52 -24.12 -29.10
CA THR B 246 -6.60 -23.19 -29.44
C THR B 246 -6.92 -23.19 -30.94
N GLY B 247 -5.90 -23.42 -31.77
CA GLY B 247 -6.07 -23.45 -33.22
C GLY B 247 -5.55 -22.23 -33.94
N PHE B 248 -5.39 -21.11 -33.22
CA PHE B 248 -4.91 -19.87 -33.83
C PHE B 248 -3.46 -19.99 -34.27
N ASP B 249 -3.08 -19.27 -35.32
CA ASP B 249 -1.68 -19.21 -35.76
C ASP B 249 -0.86 -18.53 -34.68
N LEU B 250 0.35 -19.02 -34.45
CA LEU B 250 1.20 -18.52 -33.36
C LEU B 250 2.43 -17.81 -33.88
N LEU B 251 2.76 -16.70 -33.23
CA LEU B 251 3.95 -15.91 -33.52
C LEU B 251 4.69 -15.69 -32.21
N GLU B 252 5.98 -16.00 -32.18
CA GLU B 252 6.72 -16.02 -30.92
C GLU B 252 7.43 -14.72 -30.64
N LEU B 253 7.47 -14.36 -29.35
CA LEU B 253 8.10 -13.13 -28.88
C LEU B 253 9.08 -13.48 -27.76
N PRO B 254 10.31 -13.88 -28.11
CA PRO B 254 11.27 -14.25 -27.07
C PRO B 254 11.57 -13.09 -26.13
N ILE B 255 11.52 -13.35 -24.82
CA ILE B 255 11.79 -12.32 -23.83
C ILE B 255 13.26 -11.93 -23.88
N PRO B 256 13.57 -10.65 -23.56
CA PRO B 256 14.95 -10.17 -23.65
C PRO B 256 15.83 -10.69 -22.51
N LYS B 257 17.13 -10.42 -22.61
CA LYS B 257 18.06 -10.73 -21.52
C LYS B 257 17.60 -9.96 -20.29
N PRO B 258 17.74 -10.56 -19.10
CA PRO B 258 17.26 -9.93 -17.87
C PRO B 258 17.67 -8.45 -17.73
N LEU B 259 16.72 -7.62 -17.31
CA LEU B 259 16.99 -6.23 -16.94
C LEU B 259 16.69 -6.06 -15.47
N TYR B 260 17.50 -5.23 -14.80
CA TYR B 260 17.37 -5.01 -13.36
C TYR B 260 17.32 -3.53 -13.01
N TYR B 261 16.70 -3.24 -11.86
CA TYR B 261 16.73 -1.90 -11.28
C TYR B 261 16.71 -2.06 -9.76
N GLU B 262 17.81 -1.68 -9.12
CA GLU B 262 17.99 -1.87 -7.68
C GLU B 262 17.82 -3.33 -7.27
N GLU B 263 18.63 -4.19 -7.89
CA GLU B 263 18.66 -5.63 -7.57
C GLU B 263 17.28 -6.29 -7.68
N ARG B 264 16.47 -5.84 -8.64
CA ARG B 264 15.13 -6.38 -8.87
C ARG B 264 14.94 -6.59 -10.36
N ARG B 265 14.45 -7.77 -10.74
CA ARG B 265 14.22 -8.08 -12.15
C ARG B 265 12.98 -7.35 -12.67
N LEU B 266 13.13 -6.68 -13.81
CA LEU B 266 12.04 -5.91 -14.41
C LEU B 266 11.22 -6.75 -15.39
N GLY B 267 9.93 -6.42 -15.49
CA GLY B 267 9.00 -7.17 -16.32
C GLY B 267 9.06 -6.81 -17.78
N ALA B 268 10.19 -7.11 -18.42
CA ALA B 268 10.41 -6.78 -19.83
C ALA B 268 9.64 -7.76 -20.71
N THR B 269 8.73 -7.23 -21.53
CA THR B 269 7.86 -8.05 -22.38
C THR B 269 7.53 -7.35 -23.71
N TYR B 270 7.71 -8.07 -24.81
CA TYR B 270 7.41 -7.53 -26.15
C TYR B 270 5.91 -7.61 -26.47
N ALA B 271 5.16 -8.33 -25.66
CA ALA B 271 3.70 -8.41 -25.81
C ALA B 271 3.00 -7.09 -25.52
N ASN B 272 3.69 -6.12 -24.92
CA ASN B 272 3.05 -4.87 -24.50
C ASN B 272 3.10 -3.79 -25.59
N PHE B 273 2.91 -4.20 -26.83
CA PHE B 273 2.82 -3.28 -27.97
C PHE B 273 1.42 -2.67 -28.07
N VAL B 274 1.25 -1.67 -28.92
CA VAL B 274 -0.06 -1.04 -29.11
C VAL B 274 -0.35 -0.67 -30.56
N PHE B 275 -1.50 -1.14 -31.07
CA PHE B 275 -1.98 -0.78 -32.40
C PHE B 275 -2.51 0.65 -32.43
N ILE B 276 -2.04 1.42 -33.42
CA ILE B 276 -2.66 2.69 -33.78
C ILE B 276 -2.91 2.70 -35.29
N ASN B 277 -3.63 3.70 -35.79
CA ASN B 277 -3.92 3.77 -37.21
C ASN B 277 -2.65 3.68 -38.04
N ASN B 278 -2.57 2.63 -38.86
CA ASN B 278 -1.46 2.42 -39.81
C ASN B 278 -0.11 2.03 -39.20
N ALA B 279 -0.06 1.78 -37.89
CA ALA B 279 1.20 1.43 -37.24
C ALA B 279 1.02 0.53 -36.03
N LEU B 280 2.09 -0.19 -35.71
CA LEU B 280 2.17 -0.94 -34.47
C LEU B 280 3.39 -0.41 -33.71
N ILE B 281 3.16 0.15 -32.53
CA ILE B 281 4.24 0.65 -31.71
C ILE B 281 4.67 -0.47 -30.77
N VAL B 282 5.89 -0.99 -30.98
CA VAL B 282 6.41 -2.08 -30.15
C VAL B 282 7.46 -1.57 -29.16
N PRO B 283 7.47 -2.12 -27.94
CA PRO B 283 8.49 -1.74 -26.99
C PRO B 283 9.85 -2.37 -27.30
N PHE B 284 10.91 -1.58 -27.19
CA PHE B 284 12.29 -2.03 -27.38
C PHE B 284 13.03 -1.90 -26.05
N TYR B 285 13.88 -2.88 -25.74
CA TYR B 285 14.61 -2.91 -24.48
C TYR B 285 16.14 -2.93 -24.65
N LYS B 286 16.62 -2.48 -25.81
CA LYS B 286 18.06 -2.50 -26.16
C LYS B 286 18.63 -3.91 -26.03
N ASP B 287 18.07 -4.79 -26.83
CA ASP B 287 18.36 -6.21 -26.80
C ASP B 287 18.45 -6.68 -28.25
N LYS B 288 19.07 -7.83 -28.48
CA LYS B 288 19.15 -8.39 -29.82
C LYS B 288 17.76 -8.79 -30.33
N ASN B 289 16.87 -9.14 -29.40
CA ASN B 289 15.50 -9.51 -29.74
C ASN B 289 14.62 -8.34 -30.24
N ASP B 290 15.05 -7.11 -30.00
CA ASP B 290 14.31 -5.94 -30.50
C ASP B 290 14.08 -6.03 -32.00
N GLU B 291 15.15 -6.31 -32.75
CA GLU B 291 15.04 -6.42 -34.22
C GLU B 291 14.42 -7.74 -34.66
N ILE B 292 14.61 -8.80 -33.88
CA ILE B 292 14.01 -10.09 -34.21
C ILE B 292 12.48 -9.99 -34.20
N ILE B 293 11.92 -9.49 -33.11
CA ILE B 293 10.46 -9.44 -32.95
C ILE B 293 9.83 -8.37 -33.84
N ALA B 294 10.56 -7.28 -34.09
CA ALA B 294 10.08 -6.24 -34.99
C ALA B 294 9.94 -6.78 -36.42
N LYS B 295 10.84 -7.67 -36.82
CA LYS B 295 10.80 -8.29 -38.14
C LYS B 295 9.64 -9.26 -38.30
N ARG B 296 9.42 -10.10 -37.29
CA ARG B 296 8.33 -11.07 -37.30
C ARG B 296 6.98 -10.37 -37.34
N LEU B 297 6.81 -9.40 -36.45
CA LEU B 297 5.56 -8.64 -36.37
C LEU B 297 5.31 -7.85 -37.64
N SER B 298 6.36 -7.26 -38.19
CA SER B 298 6.26 -6.49 -39.43
C SER B 298 5.90 -7.37 -40.63
N LYS B 299 6.52 -8.53 -40.72
CA LYS B 299 6.25 -9.47 -41.81
C LYS B 299 4.81 -9.97 -41.77
N ALA B 300 4.29 -10.23 -40.57
CA ALA B 300 2.94 -10.74 -40.39
C ALA B 300 1.85 -9.66 -40.40
N LEU B 301 2.26 -8.39 -40.41
CA LEU B 301 1.34 -7.27 -40.50
C LEU B 301 1.72 -6.38 -41.68
N PRO B 302 1.41 -6.84 -42.91
CA PRO B 302 1.84 -6.12 -44.10
C PRO B 302 1.14 -4.77 -44.36
N ASN B 303 0.09 -4.45 -43.60
CA ASN B 303 -0.57 -3.14 -43.70
C ASN B 303 -0.24 -2.20 -42.55
N HIS B 304 0.82 -2.48 -41.79
CA HIS B 304 1.20 -1.68 -40.63
C HIS B 304 2.68 -1.33 -40.61
N LYS B 305 3.01 -0.13 -40.16
CA LYS B 305 4.39 0.24 -39.88
C LYS B 305 4.74 -0.15 -38.45
N ILE B 306 5.73 -1.02 -38.28
CA ILE B 306 6.17 -1.44 -36.95
C ILE B 306 7.29 -0.49 -36.51
N ILE B 307 7.10 0.15 -35.35
CA ILE B 307 8.05 1.15 -34.86
C ILE B 307 8.49 0.85 -33.44
N GLY B 308 9.79 0.64 -33.27
CA GLY B 308 10.36 0.40 -31.94
C GLY B 308 10.50 1.67 -31.13
N VAL B 309 9.99 1.66 -29.90
CA VAL B 309 10.17 2.76 -28.96
C VAL B 309 10.73 2.21 -27.65
N ASP B 310 11.73 2.89 -27.12
CA ASP B 310 12.45 2.43 -25.93
C ASP B 310 11.57 2.47 -24.68
N ALA B 311 11.29 1.30 -24.12
CA ALA B 311 10.35 1.17 -23.00
C ALA B 311 11.01 0.93 -21.64
N ARG B 312 12.34 0.91 -21.58
CA ARG B 312 13.05 0.52 -20.35
C ARG B 312 12.67 1.35 -19.12
N VAL B 313 12.47 2.64 -19.29
CA VAL B 313 12.14 3.51 -18.15
C VAL B 313 10.74 3.17 -17.60
N PHE B 314 9.82 2.77 -18.48
CA PHE B 314 8.48 2.37 -18.06
C PHE B 314 8.53 1.20 -17.08
N LEU B 315 9.48 0.29 -17.29
CA LEU B 315 9.56 -0.95 -16.53
C LEU B 315 9.80 -0.73 -15.03
N ARG B 316 10.46 0.36 -14.67
CA ARG B 316 10.73 0.69 -13.26
C ARG B 316 9.48 0.68 -12.39
N GLN B 317 8.33 1.00 -12.99
CA GLN B 317 7.05 0.94 -12.29
C GLN B 317 6.17 -0.22 -12.81
N ASN B 318 6.80 -1.23 -13.40
CA ASN B 318 6.17 -2.53 -13.71
C ASN B 318 5.07 -2.52 -14.78
N GLY B 319 5.27 -1.68 -15.79
CA GLY B 319 4.41 -1.66 -16.97
C GLY B 319 5.23 -1.25 -18.18
N SER B 320 4.64 -1.31 -19.36
CA SER B 320 5.32 -0.91 -20.59
C SER B 320 4.38 -0.06 -21.47
N LEU B 321 4.61 -0.04 -22.78
CA LEU B 321 3.91 0.88 -23.67
C LEU B 321 2.39 0.69 -23.68
N HIS B 322 1.94 -0.52 -23.96
CA HIS B 322 0.50 -0.81 -24.02
C HIS B 322 -0.21 -0.43 -22.73
N SER B 323 0.45 -0.69 -21.60
CA SER B 323 -0.10 -0.38 -20.28
C SER B 323 -0.29 1.12 -20.06
N SER B 324 0.45 1.95 -20.81
CA SER B 324 0.46 3.40 -20.60
C SER B 324 -0.48 4.17 -21.51
N CYS B 325 -1.39 3.47 -22.19
CA CYS B 325 -2.31 4.13 -23.09
C CYS B 325 -3.63 3.40 -23.21
N GLN B 326 -4.63 4.10 -23.74
CA GLN B 326 -5.93 3.52 -24.02
C GLN B 326 -6.43 4.03 -25.35
N ASN B 327 -7.05 3.14 -26.12
CA ASN B 327 -7.52 3.48 -27.47
C ASN B 327 -8.98 3.90 -27.45
N ARG B 328 -9.28 4.96 -28.18
CA ARG B 328 -10.66 5.40 -28.36
C ARG B 328 -10.94 5.35 -29.84
N PHE B 329 -11.81 4.42 -30.23
CA PHE B 329 -12.03 4.11 -31.65
C PHE B 329 -12.91 5.13 -32.35
N LYS B 330 -12.75 5.22 -33.66
CA LYS B 330 -13.54 6.13 -34.49
C LYS B 330 -14.78 5.41 -35.01
N GLY B 331 -15.92 6.10 -34.92
CA GLY B 331 -17.19 5.57 -35.39
C GLY B 331 -18.33 6.47 -34.98
N LEU B 332 -19.49 5.87 -34.71
CA LEU B 332 -20.69 6.60 -34.34
C LEU B 332 -20.86 6.64 -32.83
N ARG B 333 -21.12 7.83 -32.30
CA ARG B 333 -21.31 8.01 -30.85
C ARG B 333 -22.70 8.57 -30.57
#